data_8YOU
#
_entry.id   8YOU
#
_cell.length_a   67.030
_cell.length_b   96.670
_cell.length_c   147.250
_cell.angle_alpha   90.00
_cell.angle_beta   90.00
_cell.angle_gamma   90.00
#
_symmetry.space_group_name_H-M   'P 21 21 21'
#
loop_
_entity.id
_entity.type
_entity.pdbx_description
1 polymer 'Twin-arginine translocation signal domain-containing protein'
2 non-polymer 'SELENOCYANATE ION'
3 non-polymer 'COPPER (II) ION'
4 non-polymer GLYCEROL
5 non-polymer 'SELENIUM ATOM'
6 non-polymer 'SODIUM ION'
7 water water
#
_entity_poly.entity_id   1
_entity_poly.type   'polypeptide(L)'
_entity_poly.pdbx_seq_one_letter_code
;MGSDKIHHHHHHENLYFQGHMARTTKIEEFYAQFGKYILLVPGKFTGTVAAHDLSTGRTLAWLAGWNYGDTNPIMHHMAA
FPSPDPYKGFEFIVNTQGGKNLFIYGIPTTVKEPGEGFNIYRVRYDGTKFNLVSNIAEKTGLGLGVHVTATPDGKGFAVA
DGQKDIFAEFDLATESVRTAFLVDWKPNNSDLKRAWLEGGTMTITRLKPTLPGGKYDYTGTKGCKIDWELVPGGELFLEE
GKVTGTRQTNVVALDAFVYDPRGRWGALSARLPGVAIIFDRQDWEPVVALVGAKGEPSSLPVKKVASDTWEIKMDKVVTP
AHQAGFSPDGKNFLFMNGVRQNNIMVWDTSNHADPTKWTKKAVVEDPGWRGSYPNTFHMVFTPDGRKVYVTLWWPSPTPN
GIAVVDARNWKLLKSVDIGPDMHTLAITYDGKYVVGVFSGYQKTASGIVIMDTKSDEVVGILPSVGGHHDCVIVPKTVED
LRCSRCTTT
;
_entity_poly.pdbx_strand_id   A,B
#
loop_
_chem_comp.id
_chem_comp.type
_chem_comp.name
_chem_comp.formula
CU non-polymer 'COPPER (II) ION' 'Cu 2'
GOL non-polymer GLYCEROL 'C3 H8 O3'
NA non-polymer 'SODIUM ION' 'Na 1'
SE non-polymer 'SELENIUM ATOM' Se
SEK non-polymer 'SELENOCYANATE ION' 'C N Se -1'
#
# COMPACT_ATOMS: atom_id res chain seq x y z
N GLY A 19 -20.20 2.77 31.09
CA GLY A 19 -21.22 2.18 30.20
C GLY A 19 -20.78 2.44 28.76
N HIS A 20 -19.49 2.78 28.58
CA HIS A 20 -18.97 3.12 27.24
C HIS A 20 -18.51 1.87 26.46
N MET A 21 -18.51 0.70 27.10
CA MET A 21 -18.00 -0.50 26.48
C MET A 21 -18.88 -1.67 26.91
N ALA A 22 -20.18 -1.46 26.74
CA ALA A 22 -21.23 -2.31 27.27
C ALA A 22 -21.38 -3.54 26.36
N ARG A 23 -21.04 -3.42 25.05
CA ARG A 23 -21.26 -4.50 24.11
C ARG A 23 -20.35 -4.38 22.90
N THR A 24 -20.17 -5.52 22.22
CA THR A 24 -19.49 -5.69 20.94
C THR A 24 -20.33 -5.11 19.79
N THR A 25 -19.70 -4.57 18.73
CA THR A 25 -20.46 -4.07 17.57
C THR A 25 -19.93 -4.74 16.29
N LYS A 26 -20.83 -5.19 15.40
CA LYS A 26 -20.32 -5.72 14.13
C LYS A 26 -20.39 -4.62 13.10
N ILE A 27 -19.48 -4.69 12.09
CA ILE A 27 -19.40 -3.61 11.11
C ILE A 27 -20.44 -3.84 9.99
N GLU A 28 -21.20 -4.94 10.02
CA GLU A 28 -22.00 -5.27 8.83
C GLU A 28 -22.98 -4.16 8.43
N GLU A 29 -23.71 -3.60 9.40
CA GLU A 29 -24.70 -2.57 9.14
C GLU A 29 -24.06 -1.36 8.48
N PHE A 30 -22.85 -1.02 8.96
CA PHE A 30 -22.14 0.10 8.37
C PHE A 30 -21.94 -0.13 6.88
N TYR A 31 -21.42 -1.31 6.49
CA TYR A 31 -21.14 -1.51 5.07
C TYR A 31 -22.44 -1.75 4.30
N ALA A 32 -23.50 -2.34 4.93
CA ALA A 32 -24.70 -2.71 4.17
C ALA A 32 -25.37 -1.45 3.60
N GLN A 33 -25.24 -0.33 4.31
CA GLN A 33 -25.95 0.87 3.88
C GLN A 33 -25.43 1.39 2.55
N PHE A 34 -24.21 1.00 2.12
CA PHE A 34 -23.62 1.68 0.94
C PHE A 34 -24.13 1.07 -0.38
N GLY A 35 -24.64 -0.16 -0.32
CA GLY A 35 -24.93 -0.92 -1.55
C GLY A 35 -23.65 -1.49 -2.21
N LYS A 36 -23.77 -2.06 -3.42
CA LYS A 36 -22.67 -2.77 -4.07
C LYS A 36 -21.92 -1.78 -4.96
N TYR A 37 -20.89 -1.14 -4.38
CA TYR A 37 -20.04 -0.24 -5.15
C TYR A 37 -18.59 -0.57 -4.81
N ILE A 38 -17.72 -0.42 -5.80
CA ILE A 38 -16.30 -0.77 -5.69
C ILE A 38 -15.46 0.49 -5.86
N LEU A 39 -14.56 0.74 -4.87
CA LEU A 39 -13.87 2.01 -4.81
C LEU A 39 -12.45 1.69 -5.34
N LEU A 40 -11.93 2.43 -6.36
CA LEU A 40 -10.56 2.24 -6.82
C LEU A 40 -9.72 3.46 -6.42
N VAL A 41 -8.47 3.22 -6.03
CA VAL A 41 -7.61 4.33 -5.67
C VAL A 41 -6.20 4.03 -6.21
N PRO A 42 -5.48 5.10 -6.63
CA PRO A 42 -4.03 4.96 -6.84
C PRO A 42 -3.30 5.44 -5.59
N GLY A 43 -2.04 5.04 -5.39
CA GLY A 43 -1.43 5.41 -4.12
C GLY A 43 -0.33 6.48 -4.16
N LYS A 44 -0.13 7.16 -5.34
CA LYS A 44 0.95 8.12 -5.44
C LYS A 44 2.24 7.44 -4.96
N PHE A 45 2.88 7.91 -3.87
CA PHE A 45 4.19 7.37 -3.50
C PHE A 45 4.13 5.92 -3.03
N THR A 46 2.92 5.37 -2.76
CA THR A 46 2.97 3.97 -2.36
C THR A 46 3.22 3.10 -3.62
N GLY A 47 3.01 3.64 -4.83
CA GLY A 47 3.27 2.83 -6.04
C GLY A 47 2.17 1.83 -6.38
N THR A 48 1.04 1.82 -5.63
CA THR A 48 0.02 0.80 -5.86
C THR A 48 -1.27 1.34 -6.45
N VAL A 49 -2.13 0.41 -6.98
CA VAL A 49 -3.56 0.68 -7.24
C VAL A 49 -4.36 -0.42 -6.51
N ALA A 50 -5.59 -0.16 -6.06
CA ALA A 50 -6.34 -1.13 -5.25
C ALA A 50 -7.85 -0.94 -5.49
N ALA A 51 -8.63 -2.00 -5.40
CA ALA A 51 -10.09 -1.84 -5.48
C ALA A 51 -10.64 -2.36 -4.17
N HIS A 52 -11.57 -1.60 -3.52
CA HIS A 52 -12.15 -2.01 -2.24
C HIS A 52 -13.65 -2.27 -2.42
N ASP A 53 -14.17 -3.32 -1.75
CA ASP A 53 -15.58 -3.65 -1.89
C ASP A 53 -16.30 -2.93 -0.75
N LEU A 54 -17.01 -1.86 -1.07
CA LEU A 54 -17.61 -1.12 0.02
C LEU A 54 -18.68 -1.94 0.75
N SER A 55 -19.15 -3.07 0.17
CA SER A 55 -20.24 -3.85 0.77
C SER A 55 -19.69 -4.81 1.83
N THR A 56 -18.40 -5.09 1.79
CA THR A 56 -17.83 -6.07 2.73
C THR A 56 -16.61 -5.49 3.46
N GLY A 57 -15.95 -4.45 2.91
CA GLY A 57 -14.75 -4.01 3.62
C GLY A 57 -13.50 -4.64 3.05
N ARG A 58 -13.68 -5.62 2.17
CA ARG A 58 -12.52 -6.40 1.72
C ARG A 58 -11.83 -5.62 0.59
N THR A 59 -10.49 -5.72 0.49
CA THR A 59 -9.85 -5.15 -0.70
C THR A 59 -9.83 -6.29 -1.73
N LEU A 60 -10.49 -6.09 -2.87
CA LEU A 60 -10.69 -7.19 -3.82
C LEU A 60 -9.37 -7.58 -4.49
N ALA A 61 -8.52 -6.59 -4.79
CA ALA A 61 -7.24 -6.78 -5.46
C ALA A 61 -6.46 -5.49 -5.41
N TRP A 62 -5.13 -5.65 -5.54
CA TRP A 62 -4.22 -4.53 -5.68
C TRP A 62 -3.06 -4.98 -6.56
N LEU A 63 -2.35 -3.96 -7.12
CA LEU A 63 -1.17 -4.18 -7.94
C LEU A 63 -0.12 -3.15 -7.52
N ALA A 64 1.14 -3.63 -7.45
CA ALA A 64 2.27 -2.76 -7.08
C ALA A 64 3.16 -2.60 -8.31
N GLY A 65 3.23 -1.38 -8.84
CA GLY A 65 3.96 -1.19 -10.10
C GLY A 65 5.42 -1.68 -10.09
N TRP A 66 6.08 -1.63 -8.91
CA TRP A 66 7.50 -1.99 -8.88
C TRP A 66 7.72 -3.48 -9.14
N ASN A 67 6.71 -4.31 -8.79
CA ASN A 67 6.77 -5.75 -9.05
C ASN A 67 7.01 -5.99 -10.53
N TYR A 68 6.62 -4.98 -11.39
CA TYR A 68 6.70 -5.17 -12.84
C TYR A 68 7.94 -4.47 -13.40
N GLY A 69 8.85 -3.98 -12.56
CA GLY A 69 10.02 -3.34 -13.13
C GLY A 69 9.83 -1.83 -13.29
N ASP A 70 8.70 -1.23 -12.87
CA ASP A 70 8.61 0.22 -12.88
C ASP A 70 9.27 0.73 -11.59
N THR A 71 10.48 1.33 -11.68
CA THR A 71 11.22 1.65 -10.47
C THR A 71 10.83 3.00 -9.93
N ASN A 72 9.89 3.73 -10.57
CA ASN A 72 9.46 4.98 -9.95
C ASN A 72 7.93 5.06 -10.18
N PRO A 73 7.13 4.09 -9.68
CA PRO A 73 5.68 4.06 -9.99
C PRO A 73 4.91 5.12 -9.18
N ILE A 74 5.04 6.42 -9.52
CA ILE A 74 4.24 7.41 -8.80
C ILE A 74 2.84 7.35 -9.42
N MET A 75 1.92 6.57 -8.83
CA MET A 75 0.60 6.23 -9.42
C MET A 75 -0.33 7.40 -9.16
N HIS A 76 -0.60 8.20 -10.21
CA HIS A 76 -1.17 9.51 -9.98
C HIS A 76 -2.68 9.52 -10.29
N HIS A 77 -3.14 9.36 -11.55
CA HIS A 77 -4.57 9.54 -11.80
C HIS A 77 -5.16 8.32 -12.52
N MET A 78 -6.51 8.19 -12.52
CA MET A 78 -7.13 6.97 -13.08
C MET A 78 -8.58 7.29 -13.41
N ALA A 79 -9.12 6.59 -14.42
CA ALA A 79 -10.53 6.59 -14.63
C ALA A 79 -10.92 5.16 -14.99
N ALA A 80 -12.17 4.79 -14.62
CA ALA A 80 -12.67 3.45 -14.92
C ALA A 80 -13.82 3.53 -15.90
N PHE A 81 -13.88 2.51 -16.76
CA PHE A 81 -14.89 2.36 -17.81
C PHE A 81 -16.12 1.59 -17.32
N PRO A 82 -17.31 1.86 -17.90
CA PRO A 82 -18.55 1.20 -17.48
C PRO A 82 -18.47 -0.31 -17.69
N SER A 83 -18.92 -1.03 -16.67
CA SER A 83 -18.91 -2.47 -16.73
C SER A 83 -20.30 -2.94 -16.31
N PRO A 84 -20.89 -3.90 -17.03
CA PRO A 84 -22.24 -4.36 -16.69
C PRO A 84 -22.26 -5.07 -15.35
N ASP A 85 -21.10 -5.61 -14.93
CA ASP A 85 -21.03 -6.14 -13.58
C ASP A 85 -19.61 -6.00 -13.04
N PRO A 86 -19.35 -4.92 -12.27
CA PRO A 86 -17.98 -4.62 -11.85
C PRO A 86 -17.43 -5.74 -10.97
N TYR A 87 -18.31 -6.43 -10.20
CA TYR A 87 -17.80 -7.54 -9.36
C TYR A 87 -17.23 -8.71 -10.16
N LYS A 88 -17.70 -8.87 -11.42
CA LYS A 88 -17.16 -9.89 -12.30
C LYS A 88 -16.02 -9.43 -13.20
N GLY A 89 -15.94 -8.13 -13.48
CA GLY A 89 -14.78 -7.64 -14.19
C GLY A 89 -14.95 -6.13 -14.43
N PHE A 90 -13.83 -5.37 -14.55
CA PHE A 90 -13.95 -4.02 -15.11
C PHE A 90 -12.55 -3.64 -15.60
N GLU A 91 -12.45 -2.50 -16.26
CA GLU A 91 -11.14 -2.08 -16.70
C GLU A 91 -10.95 -0.64 -16.27
N PHE A 92 -9.68 -0.22 -16.22
CA PHE A 92 -9.40 1.17 -15.89
C PHE A 92 -8.06 1.60 -16.48
N ILE A 93 -7.82 2.93 -16.57
CA ILE A 93 -6.50 3.42 -16.87
C ILE A 93 -5.93 4.13 -15.65
N VAL A 94 -4.65 3.82 -15.29
CA VAL A 94 -3.93 4.61 -14.28
C VAL A 94 -2.58 4.99 -14.85
N ASN A 95 -2.16 6.27 -14.61
CA ASN A 95 -0.87 6.72 -15.13
C ASN A 95 0.08 6.99 -13.97
N THR A 96 1.32 7.29 -14.33
CA THR A 96 2.37 7.55 -13.34
C THR A 96 3.12 8.82 -13.72
N GLN A 97 3.76 9.46 -12.72
CA GLN A 97 4.77 10.44 -13.04
C GLN A 97 6.12 9.75 -12.91
N GLY A 98 7.19 10.53 -12.94
CA GLY A 98 8.52 9.94 -13.01
C GLY A 98 9.56 11.05 -12.70
N GLY A 99 10.82 10.70 -12.87
CA GLY A 99 11.91 11.64 -12.72
C GLY A 99 11.88 12.20 -11.29
N LYS A 100 12.16 13.48 -11.24
CA LYS A 100 12.42 14.19 -9.99
C LYS A 100 11.15 14.49 -9.18
N ASN A 101 10.01 14.03 -9.67
CA ASN A 101 8.73 14.03 -8.94
C ASN A 101 8.88 13.21 -7.66
N LEU A 102 9.90 12.34 -7.61
CA LEU A 102 10.04 11.52 -6.41
C LEU A 102 10.54 12.40 -5.24
N PHE A 103 11.15 13.54 -5.59
CA PHE A 103 11.87 14.38 -4.61
C PHE A 103 11.07 15.53 -3.99
N ILE A 104 9.77 15.65 -4.26
CA ILE A 104 9.09 16.90 -3.98
C ILE A 104 8.07 16.81 -2.85
N TYR A 105 7.97 15.68 -2.16
CA TYR A 105 7.04 15.57 -1.02
C TYR A 105 7.80 15.39 0.32
N GLY A 106 9.07 15.81 0.37
CA GLY A 106 9.81 15.82 1.64
C GLY A 106 10.22 14.43 2.16
N ILE A 107 10.15 13.37 1.33
CA ILE A 107 10.64 12.07 1.74
C ILE A 107 12.16 12.05 1.64
N PRO A 108 12.93 11.73 2.69
CA PRO A 108 14.37 11.95 2.61
C PRO A 108 15.10 10.79 1.97
N THR A 109 14.67 10.43 0.77
CA THR A 109 15.33 9.40 -0.02
C THR A 109 16.70 9.86 -0.52
N THR A 110 17.65 8.94 -0.63
CA THR A 110 18.91 9.39 -1.19
C THR A 110 19.07 8.88 -2.63
N VAL A 111 17.99 8.38 -3.25
CA VAL A 111 18.08 8.04 -4.66
C VAL A 111 18.67 9.17 -5.52
N LYS A 112 19.65 8.83 -6.37
CA LYS A 112 20.32 9.81 -7.23
C LYS A 112 19.63 9.92 -8.58
N GLU A 113 19.30 8.78 -9.23
CA GLU A 113 18.72 8.89 -10.57
C GLU A 113 17.40 8.12 -10.57
N PRO A 114 16.29 8.80 -10.28
CA PRO A 114 14.99 8.10 -10.20
C PRO A 114 14.58 7.53 -11.57
N GLY A 115 13.62 6.60 -11.58
CA GLY A 115 13.17 6.03 -12.82
C GLY A 115 12.44 7.10 -13.65
N GLU A 116 12.44 6.87 -14.96
CA GLU A 116 11.90 7.84 -15.92
C GLU A 116 10.38 7.92 -15.71
N GLY A 117 9.67 6.80 -15.53
CA GLY A 117 8.22 6.95 -15.27
C GLY A 117 7.40 7.47 -16.47
N PHE A 118 6.30 8.18 -16.18
CA PHE A 118 5.28 8.67 -17.12
C PHE A 118 4.69 7.53 -17.96
N ASN A 119 4.28 6.45 -17.29
CA ASN A 119 3.58 5.32 -17.88
C ASN A 119 2.08 5.53 -17.83
N ILE A 120 1.37 4.86 -18.75
CA ILE A 120 -0.10 4.92 -18.79
C ILE A 120 -0.61 3.48 -18.90
N TYR A 121 -1.06 2.95 -17.79
CA TYR A 121 -1.24 1.51 -17.71
C TYR A 121 -2.74 1.18 -17.82
N ARG A 122 -3.03 0.14 -18.61
CA ARG A 122 -4.41 -0.31 -18.73
C ARG A 122 -4.52 -1.57 -17.88
N VAL A 123 -5.49 -1.60 -16.96
CA VAL A 123 -5.55 -2.66 -15.99
C VAL A 123 -6.95 -3.26 -16.09
N ARG A 124 -7.07 -4.60 -15.99
CA ARG A 124 -8.40 -5.21 -15.99
C ARG A 124 -8.50 -6.09 -14.74
N TYR A 125 -9.60 -5.92 -14.00
CA TYR A 125 -9.97 -6.78 -12.87
C TYR A 125 -10.80 -7.89 -13.50
N ASP A 126 -10.52 -9.15 -13.12
CA ASP A 126 -11.18 -10.29 -13.79
C ASP A 126 -12.11 -11.06 -12.84
N GLY A 127 -12.53 -10.40 -11.72
CA GLY A 127 -13.31 -11.02 -10.69
C GLY A 127 -12.47 -11.62 -9.56
N THR A 128 -11.13 -11.69 -9.72
CA THR A 128 -10.20 -12.29 -8.77
C THR A 128 -8.98 -11.38 -8.62
N LYS A 129 -8.38 -10.88 -9.71
CA LYS A 129 -7.11 -10.15 -9.53
C LYS A 129 -7.05 -9.07 -10.59
N PHE A 130 -6.09 -8.16 -10.45
CA PHE A 130 -5.82 -7.22 -11.55
C PHE A 130 -4.81 -7.84 -12.52
N ASN A 131 -4.93 -7.48 -13.81
CA ASN A 131 -4.02 -7.95 -14.85
C ASN A 131 -3.53 -6.69 -15.54
N LEU A 132 -2.22 -6.50 -15.59
CA LEU A 132 -1.68 -5.37 -16.36
C LEU A 132 -1.76 -5.78 -17.83
N VAL A 133 -2.64 -5.11 -18.59
CA VAL A 133 -3.01 -5.47 -19.95
C VAL A 133 -1.99 -4.82 -20.90
N SER A 134 -1.66 -3.54 -20.69
CA SER A 134 -0.75 -2.85 -21.61
C SER A 134 -0.19 -1.58 -20.97
N ASN A 135 0.87 -1.08 -21.60
CA ASN A 135 1.38 0.24 -21.24
C ASN A 135 1.16 1.11 -22.48
N ILE A 136 0.10 1.91 -22.44
CA ILE A 136 -0.24 2.79 -23.54
C ILE A 136 0.90 3.76 -23.87
N ALA A 137 1.67 4.20 -22.84
CA ALA A 137 2.70 5.17 -23.12
C ALA A 137 3.81 4.53 -23.95
N GLU A 138 4.13 3.27 -23.67
CA GLU A 138 5.19 2.63 -24.45
C GLU A 138 4.76 2.52 -25.92
N LYS A 139 3.48 2.22 -26.18
CA LYS A 139 3.05 1.97 -27.55
C LYS A 139 2.93 3.30 -28.31
N THR A 140 2.43 4.37 -27.66
CA THR A 140 2.13 5.59 -28.40
C THR A 140 3.31 6.57 -28.32
N GLY A 141 4.18 6.40 -27.31
CA GLY A 141 5.27 7.34 -27.05
C GLY A 141 4.80 8.64 -26.33
N LEU A 142 3.58 8.63 -25.81
CA LEU A 142 3.12 9.79 -25.02
C LEU A 142 3.16 9.46 -23.52
N GLY A 143 4.22 9.95 -22.85
CA GLY A 143 4.37 9.81 -21.41
C GLY A 143 3.76 11.05 -20.75
N LEU A 144 2.53 10.86 -20.24
CA LEU A 144 1.73 11.97 -19.68
C LEU A 144 1.27 11.65 -18.26
N GLY A 145 1.47 12.57 -17.29
CA GLY A 145 1.38 12.05 -15.91
C GLY A 145 0.32 12.74 -15.04
N VAL A 146 -0.54 13.56 -15.62
CA VAL A 146 -1.57 14.22 -14.79
C VAL A 146 -2.94 13.57 -15.07
N HIS A 147 -4.04 14.32 -15.18
CA HIS A 147 -5.37 13.72 -15.03
C HIS A 147 -5.70 12.81 -16.23
N VAL A 148 -6.31 11.69 -15.87
CA VAL A 148 -6.86 10.68 -16.81
C VAL A 148 -8.39 10.84 -16.74
N THR A 149 -9.11 10.95 -17.90
CA THR A 149 -10.56 11.08 -17.84
C THR A 149 -11.13 10.16 -18.90
N ALA A 150 -12.21 9.46 -18.53
CA ALA A 150 -12.96 8.65 -19.47
C ALA A 150 -13.82 9.55 -20.34
N THR A 151 -13.90 9.22 -21.65
CA THR A 151 -14.87 9.90 -22.53
C THR A 151 -16.29 9.54 -22.07
N PRO A 152 -17.31 10.39 -22.32
CA PRO A 152 -18.68 10.07 -21.95
C PRO A 152 -19.30 8.77 -22.46
N ASP A 153 -18.80 8.23 -23.58
CA ASP A 153 -19.28 6.96 -24.09
C ASP A 153 -18.52 5.78 -23.49
N GLY A 154 -17.55 6.06 -22.62
CA GLY A 154 -16.79 4.96 -22.01
C GLY A 154 -15.85 4.18 -22.96
N LYS A 155 -15.56 4.73 -24.16
CA LYS A 155 -14.82 4.08 -25.23
C LYS A 155 -13.47 4.76 -25.53
N GLY A 156 -13.16 5.82 -24.80
CA GLY A 156 -11.85 6.43 -24.95
C GLY A 156 -11.46 7.08 -23.61
N PHE A 157 -10.36 7.80 -23.62
CA PHE A 157 -9.93 8.50 -22.42
C PHE A 157 -8.95 9.59 -22.85
N ALA A 158 -8.77 10.58 -21.96
CA ALA A 158 -7.78 11.61 -22.19
C ALA A 158 -6.80 11.61 -21.04
N VAL A 159 -5.56 11.98 -21.33
CA VAL A 159 -4.56 12.24 -20.32
C VAL A 159 -3.92 13.60 -20.63
N ALA A 160 -3.56 14.37 -19.59
CA ALA A 160 -2.88 15.64 -19.75
C ALA A 160 -1.67 15.59 -18.82
N ASP A 161 -0.71 16.45 -19.13
CA ASP A 161 0.53 16.57 -18.36
C ASP A 161 0.90 18.02 -18.16
N GLY A 162 1.26 18.38 -16.91
CA GLY A 162 1.47 19.78 -16.61
C GLY A 162 2.94 20.17 -16.52
N GLN A 163 3.88 19.23 -16.78
CA GLN A 163 5.29 19.60 -16.98
C GLN A 163 5.60 19.79 -18.47
N LYS A 164 5.01 18.94 -19.34
CA LYS A 164 5.23 18.94 -20.77
C LYS A 164 4.15 19.79 -21.46
N ASP A 165 3.01 20.02 -20.80
CA ASP A 165 1.96 20.86 -21.38
C ASP A 165 1.40 20.21 -22.65
N ILE A 166 1.15 18.90 -22.52
CA ILE A 166 0.56 18.17 -23.67
C ILE A 166 -0.69 17.46 -23.19
N PHE A 167 -1.70 17.29 -24.06
CA PHE A 167 -2.76 16.36 -23.77
C PHE A 167 -3.08 15.56 -25.03
N ALA A 168 -3.68 14.38 -24.76
CA ALA A 168 -4.09 13.52 -25.86
C ALA A 168 -5.41 12.83 -25.51
N GLU A 169 -6.25 12.58 -26.53
CA GLU A 169 -7.33 11.63 -26.32
C GLU A 169 -6.99 10.32 -27.05
N PHE A 170 -7.28 9.18 -26.42
CA PHE A 170 -6.96 7.86 -26.91
C PHE A 170 -8.24 7.08 -27.22
N ASP A 171 -8.13 6.20 -28.20
CA ASP A 171 -9.18 5.21 -28.42
C ASP A 171 -8.89 4.02 -27.52
N LEU A 172 -9.85 3.53 -26.72
CA LEU A 172 -9.48 2.40 -25.86
C LEU A 172 -9.26 1.10 -26.65
N ALA A 173 -10.20 0.79 -27.54
CA ALA A 173 -10.20 -0.46 -28.30
C ALA A 173 -8.85 -0.60 -29.02
N THR A 174 -8.31 0.45 -29.65
CA THR A 174 -7.12 0.27 -30.46
C THR A 174 -5.89 0.78 -29.72
N GLU A 175 -6.09 1.37 -28.56
CA GLU A 175 -4.97 2.03 -27.85
C GLU A 175 -4.21 2.96 -28.76
N SER A 176 -4.94 3.72 -29.58
CA SER A 176 -4.25 4.61 -30.51
C SER A 176 -4.59 6.06 -30.16
N VAL A 177 -3.80 7.02 -30.69
CA VAL A 177 -3.91 8.41 -30.29
C VAL A 177 -4.89 9.03 -31.26
N ARG A 178 -6.03 9.53 -30.79
CA ARG A 178 -6.98 10.20 -31.68
C ARG A 178 -6.53 11.63 -31.93
N THR A 179 -5.93 12.31 -30.91
CA THR A 179 -5.39 13.65 -31.12
C THR A 179 -4.40 13.92 -30.00
N ALA A 180 -3.41 14.74 -30.26
CA ALA A 180 -2.50 15.27 -29.21
C ALA A 180 -2.19 16.74 -29.50
N PHE A 181 -2.09 17.57 -28.42
CA PHE A 181 -1.82 18.99 -28.61
C PHE A 181 -0.77 19.41 -27.60
N LEU A 182 0.12 20.28 -28.05
CA LEU A 182 0.99 21.05 -27.16
C LEU A 182 0.41 22.43 -26.89
N VAL A 183 0.54 22.90 -25.64
CA VAL A 183 0.18 24.26 -25.32
C VAL A 183 1.43 24.98 -24.78
N ASP A 184 1.78 26.16 -25.32
CA ASP A 184 2.96 26.88 -24.83
C ASP A 184 2.64 28.32 -24.42
N TRP A 185 3.43 28.88 -23.52
CA TRP A 185 3.19 30.24 -23.06
C TRP A 185 4.35 31.14 -23.51
N LYS A 186 4.03 32.29 -24.09
CA LYS A 186 5.09 33.23 -24.38
C LYS A 186 4.82 34.46 -23.50
N PRO A 187 5.60 34.73 -22.42
CA PRO A 187 5.17 35.73 -21.41
C PRO A 187 5.42 37.15 -21.95
N ASN A 188 4.59 38.15 -21.60
CA ASN A 188 4.91 39.50 -22.06
C ASN A 188 6.19 39.90 -21.33
N ASN A 189 6.34 39.53 -20.07
CA ASN A 189 7.50 39.95 -19.28
C ASN A 189 8.37 38.73 -18.99
N SER A 190 9.65 38.77 -19.37
CA SER A 190 10.48 37.57 -19.38
C SER A 190 10.99 37.25 -17.98
N ASP A 191 10.79 38.17 -17.02
CA ASP A 191 11.16 37.91 -15.64
C ASP A 191 10.21 36.86 -15.05
N LEU A 192 10.79 35.81 -14.45
CA LEU A 192 9.96 34.74 -13.92
C LEU A 192 8.83 35.27 -13.01
N LYS A 193 9.14 36.25 -12.17
CA LYS A 193 8.13 36.60 -11.18
C LYS A 193 6.86 37.19 -11.81
N ARG A 194 6.98 37.79 -13.00
CA ARG A 194 5.87 38.51 -13.59
C ARG A 194 5.44 37.85 -14.92
N ALA A 195 5.99 36.68 -15.21
CA ALA A 195 5.81 36.00 -16.49
C ALA A 195 4.34 35.66 -16.75
N TRP A 196 3.52 35.51 -15.70
CA TRP A 196 2.10 35.26 -15.95
C TRP A 196 1.30 36.50 -15.59
N LEU A 197 1.68 37.16 -14.47
CA LEU A 197 0.85 38.26 -14.00
C LEU A 197 0.67 39.28 -15.14
N GLU A 198 1.72 39.54 -15.88
CA GLU A 198 1.61 40.58 -16.92
C GLU A 198 1.14 40.03 -18.26
N GLY A 199 0.55 38.84 -18.25
CA GLY A 199 -0.06 38.33 -19.49
C GLY A 199 0.93 37.72 -20.49
N GLY A 200 0.38 37.32 -21.65
CA GLY A 200 1.21 36.62 -22.61
C GLY A 200 0.31 35.99 -23.66
N THR A 201 0.91 35.25 -24.58
CA THR A 201 0.19 34.54 -25.64
C THR A 201 0.29 33.05 -25.35
N MET A 202 -0.87 32.40 -25.42
CA MET A 202 -0.87 30.96 -25.35
C MET A 202 -1.01 30.44 -26.79
N THR A 203 -0.07 29.58 -27.21
CA THR A 203 -0.14 28.91 -28.51
C THR A 203 -0.58 27.44 -28.33
N ILE A 204 -1.55 27.01 -29.15
CA ILE A 204 -2.01 25.64 -29.13
C ILE A 204 -1.59 25.01 -30.43
N THR A 205 -0.88 23.90 -30.34
CA THR A 205 -0.39 23.28 -31.59
C THR A 205 -0.93 21.86 -31.71
N ARG A 206 -1.56 21.48 -32.83
CA ARG A 206 -1.91 20.07 -33.01
C ARG A 206 -0.64 19.27 -33.34
N LEU A 207 -0.28 18.23 -32.56
CA LEU A 207 1.01 17.56 -32.75
C LEU A 207 0.84 16.45 -33.82
N LYS A 208 1.96 16.06 -34.46
CA LYS A 208 1.93 14.94 -35.39
C LYS A 208 3.02 13.99 -34.88
N PRO A 209 2.81 12.67 -34.89
CA PRO A 209 3.85 11.77 -34.39
C PRO A 209 5.09 11.95 -35.26
N THR A 210 6.30 11.77 -34.68
CA THR A 210 7.55 11.99 -35.38
C THR A 210 8.36 10.73 -35.60
N LEU A 211 7.91 9.61 -35.05
CA LEU A 211 8.70 8.40 -35.00
C LEU A 211 7.92 7.35 -35.77
N PRO A 212 8.59 6.25 -36.23
CA PRO A 212 7.92 5.20 -36.99
C PRO A 212 6.83 4.56 -36.12
N GLY A 213 5.83 3.92 -36.74
CA GLY A 213 4.78 3.23 -36.01
C GLY A 213 3.74 4.27 -35.54
N GLY A 214 3.81 5.48 -36.10
CA GLY A 214 2.93 6.60 -35.76
C GLY A 214 3.11 6.99 -34.28
N LYS A 215 4.37 6.89 -33.80
CA LYS A 215 4.72 7.05 -32.40
C LYS A 215 5.22 8.48 -32.11
N TYR A 216 4.85 9.01 -30.93
CA TYR A 216 5.28 10.32 -30.48
C TYR A 216 6.62 10.20 -29.75
N ASP A 217 7.31 11.33 -29.60
CA ASP A 217 8.64 11.30 -28.99
C ASP A 217 8.62 11.96 -27.60
N TYR A 218 7.78 11.40 -26.69
CA TYR A 218 7.55 12.00 -25.39
C TYR A 218 7.49 10.92 -24.30
N THR A 219 8.36 9.92 -24.49
CA THR A 219 8.49 8.83 -23.53
C THR A 219 9.18 9.38 -22.27
N GLY A 220 8.87 8.81 -21.08
CA GLY A 220 9.63 9.18 -19.89
C GLY A 220 9.55 10.65 -19.56
N THR A 221 10.71 11.24 -19.16
CA THR A 221 10.71 12.66 -18.81
C THR A 221 10.82 13.55 -20.05
N LYS A 222 10.88 12.97 -21.25
CA LYS A 222 11.16 13.74 -22.47
C LYS A 222 10.03 14.74 -22.77
N GLY A 223 10.41 16.01 -23.02
CA GLY A 223 9.44 17.07 -23.31
C GLY A 223 9.16 17.94 -22.09
N CYS A 224 9.72 17.62 -20.90
CA CYS A 224 9.36 18.38 -19.69
C CYS A 224 9.93 19.79 -19.78
N LYS A 225 9.12 20.80 -19.45
CA LYS A 225 9.59 22.20 -19.37
C LYS A 225 10.15 22.52 -17.98
N ILE A 226 9.56 21.84 -16.96
CA ILE A 226 9.97 21.90 -15.59
C ILE A 226 10.21 20.48 -15.08
N ASP A 227 11.18 20.41 -14.17
CA ASP A 227 11.75 19.14 -13.72
C ASP A 227 10.83 18.36 -12.77
N TRP A 228 9.76 18.99 -12.30
CA TRP A 228 8.79 18.24 -11.47
C TRP A 228 7.48 19.01 -11.52
N GLU A 229 6.37 18.40 -11.06
CA GLU A 229 5.01 18.92 -11.25
C GLU A 229 4.91 20.11 -10.28
N LEU A 230 4.04 21.09 -10.57
CA LEU A 230 3.61 21.99 -9.51
C LEU A 230 2.66 21.25 -8.56
N VAL A 231 3.12 21.09 -7.33
CA VAL A 231 2.42 20.29 -6.33
C VAL A 231 1.09 20.96 -5.92
N PRO A 232 0.19 20.22 -5.22
CA PRO A 232 -1.10 20.80 -4.84
C PRO A 232 -0.79 22.10 -4.09
N GLY A 233 -1.47 23.17 -4.48
CA GLY A 233 -1.34 24.42 -3.73
C GLY A 233 -0.13 25.25 -4.17
N GLY A 234 0.63 24.70 -5.13
CA GLY A 234 1.98 25.20 -5.35
C GLY A 234 2.16 25.85 -6.70
N GLU A 235 1.05 26.19 -7.36
CA GLU A 235 1.16 26.79 -8.69
C GLU A 235 2.22 27.90 -8.72
N LEU A 236 2.21 28.78 -7.68
CA LEU A 236 3.05 29.97 -7.78
C LEU A 236 4.48 29.64 -7.39
N PHE A 237 4.83 28.35 -7.12
CA PHE A 237 6.22 28.11 -6.74
C PHE A 237 7.15 28.40 -7.93
N LEU A 238 6.61 28.32 -9.16
CA LEU A 238 7.45 28.44 -10.34
C LEU A 238 7.82 29.93 -10.45
N GLU A 239 6.84 30.80 -10.22
CA GLU A 239 7.15 32.24 -10.14
C GLU A 239 8.27 32.55 -9.16
N GLU A 240 8.42 31.78 -8.08
CA GLU A 240 9.26 32.15 -6.95
C GLU A 240 10.69 31.62 -7.12
N GLY A 241 10.97 30.90 -8.21
CA GLY A 241 12.29 30.36 -8.48
C GLY A 241 12.48 29.01 -7.77
N LYS A 242 11.36 28.42 -7.34
CA LYS A 242 11.48 27.18 -6.57
C LYS A 242 11.34 25.95 -7.45
N VAL A 243 11.16 26.13 -8.76
CA VAL A 243 11.01 24.92 -9.56
C VAL A 243 12.02 25.04 -10.68
N THR A 244 12.91 24.05 -10.84
CA THR A 244 13.91 24.13 -11.89
C THR A 244 13.39 23.56 -13.23
N GLY A 245 14.03 23.89 -14.34
CA GLY A 245 13.48 23.47 -15.62
C GLY A 245 14.18 24.20 -16.76
N THR A 246 14.01 23.71 -18.00
CA THR A 246 14.67 24.41 -19.09
C THR A 246 13.74 25.41 -19.75
N ARG A 247 12.42 25.31 -19.52
CA ARG A 247 11.54 26.25 -20.21
C ARG A 247 10.57 26.80 -19.18
N GLN A 248 11.11 27.31 -18.08
CA GLN A 248 10.29 27.74 -16.96
C GLN A 248 9.23 28.75 -17.33
N THR A 249 9.57 29.81 -18.08
CA THR A 249 8.53 30.82 -18.23
C THR A 249 7.57 30.47 -19.40
N ASN A 250 7.73 29.29 -19.98
CA ASN A 250 6.83 28.90 -21.07
C ASN A 250 5.76 27.91 -20.62
N VAL A 251 5.73 27.63 -19.31
CA VAL A 251 4.76 26.67 -18.73
C VAL A 251 3.36 27.25 -18.67
N VAL A 252 2.33 26.41 -19.00
CA VAL A 252 0.95 26.70 -18.62
C VAL A 252 0.41 25.71 -17.57
N ALA A 253 1.10 24.59 -17.36
CA ALA A 253 0.67 23.55 -16.42
C ALA A 253 -0.73 23.07 -16.85
N LEU A 254 -0.83 22.39 -17.99
CA LEU A 254 -2.08 21.74 -18.31
C LEU A 254 -2.39 20.69 -17.25
N ASP A 255 -3.68 20.48 -16.99
CA ASP A 255 -4.03 19.63 -15.84
C ASP A 255 -4.94 18.50 -16.32
N ALA A 256 -6.13 18.83 -16.85
CA ALA A 256 -7.14 17.85 -17.23
C ALA A 256 -7.88 18.25 -18.53
N PHE A 257 -8.45 17.23 -19.18
CA PHE A 257 -9.37 17.43 -20.26
C PHE A 257 -10.70 16.87 -19.76
N VAL A 258 -11.62 17.72 -19.28
CA VAL A 258 -12.84 17.18 -18.73
C VAL A 258 -13.93 17.27 -19.78
N TYR A 259 -14.87 16.31 -19.71
CA TYR A 259 -15.82 16.14 -20.79
C TYR A 259 -17.18 16.76 -20.54
N ASP A 260 -17.73 17.49 -21.55
CA ASP A 260 -19.16 17.78 -21.56
C ASP A 260 -19.94 16.45 -21.60
N PRO A 261 -20.81 16.16 -20.61
CA PRO A 261 -21.58 14.90 -20.69
C PRO A 261 -22.61 14.84 -21.83
N ARG A 262 -22.84 15.97 -22.49
CA ARG A 262 -23.73 16.01 -23.66
C ARG A 262 -22.98 15.62 -24.95
N GLY A 263 -21.66 15.48 -24.85
CA GLY A 263 -20.84 15.09 -25.98
C GLY A 263 -20.29 16.31 -26.70
N ARG A 264 -19.48 16.05 -27.73
CA ARG A 264 -18.87 17.00 -28.67
C ARG A 264 -17.73 17.83 -28.03
N TRP A 265 -17.96 18.41 -26.83
CA TRP A 265 -16.97 19.33 -26.21
C TRP A 265 -16.15 18.66 -25.10
N GLY A 266 -14.91 19.15 -24.91
CA GLY A 266 -14.11 18.91 -23.73
C GLY A 266 -13.39 20.19 -23.36
N ALA A 267 -13.13 20.34 -22.07
CA ALA A 267 -12.44 21.53 -21.58
C ALA A 267 -11.03 21.20 -21.08
N LEU A 268 -10.07 21.90 -21.61
CA LEU A 268 -8.68 21.64 -21.23
C LEU A 268 -8.24 22.70 -20.20
N SER A 269 -7.93 22.27 -18.99
CA SER A 269 -7.57 23.23 -17.94
C SER A 269 -6.07 23.53 -17.98
N ALA A 270 -5.74 24.82 -17.85
CA ALA A 270 -4.37 25.33 -17.87
C ALA A 270 -4.20 26.16 -16.59
N ARG A 271 -3.52 25.56 -15.60
CA ARG A 271 -3.44 26.12 -14.25
C ARG A 271 -2.86 27.54 -14.21
N LEU A 272 -1.71 27.84 -14.86
CA LEU A 272 -1.05 29.10 -14.58
C LEU A 272 -1.74 30.28 -15.29
N PRO A 273 -2.25 30.10 -16.52
CA PRO A 273 -3.03 31.20 -17.14
C PRO A 273 -4.44 31.25 -16.56
N GLY A 274 -4.85 30.23 -15.80
CA GLY A 274 -6.18 30.22 -15.24
C GLY A 274 -7.26 30.21 -16.33
N VAL A 275 -7.03 29.37 -17.37
CA VAL A 275 -7.94 29.30 -18.48
C VAL A 275 -8.38 27.86 -18.70
N ALA A 276 -9.63 27.66 -19.18
CA ALA A 276 -10.13 26.38 -19.70
C ALA A 276 -10.45 26.53 -21.18
N ILE A 277 -9.71 25.78 -21.99
CA ILE A 277 -9.78 25.89 -23.43
C ILE A 277 -10.77 24.80 -23.88
N ILE A 278 -11.85 25.24 -24.53
CA ILE A 278 -12.90 24.34 -24.98
C ILE A 278 -12.48 23.81 -26.36
N PHE A 279 -12.45 22.48 -26.49
CA PHE A 279 -12.14 21.85 -27.76
C PHE A 279 -13.42 21.22 -28.35
N ASP A 280 -13.52 21.22 -29.69
CA ASP A 280 -14.49 20.47 -30.46
C ASP A 280 -13.87 19.10 -30.75
N ARG A 281 -14.43 18.01 -30.19
CA ARG A 281 -13.80 16.71 -30.27
C ARG A 281 -14.08 16.10 -31.66
N GLN A 282 -15.04 16.70 -32.41
CA GLN A 282 -15.51 16.15 -33.68
C GLN A 282 -14.63 16.61 -34.84
N ASP A 283 -13.98 17.77 -34.74
CA ASP A 283 -12.97 18.21 -35.68
C ASP A 283 -11.63 18.56 -35.02
N TRP A 284 -11.45 18.29 -33.73
CA TRP A 284 -10.19 18.55 -33.03
C TRP A 284 -9.67 19.97 -33.30
N GLU A 285 -10.39 20.98 -32.78
CA GLU A 285 -9.87 22.33 -32.81
C GLU A 285 -10.34 22.97 -31.52
N PRO A 286 -9.55 23.88 -30.93
CA PRO A 286 -10.05 24.66 -29.80
C PRO A 286 -10.99 25.75 -30.34
N VAL A 287 -12.03 26.11 -29.60
CA VAL A 287 -13.04 27.04 -30.13
C VAL A 287 -13.15 28.33 -29.29
N VAL A 288 -12.80 28.28 -27.99
CA VAL A 288 -12.91 29.44 -27.09
C VAL A 288 -12.10 29.16 -25.82
N ALA A 289 -11.63 30.19 -25.08
CA ALA A 289 -10.91 30.06 -23.82
C ALA A 289 -11.74 30.66 -22.70
N LEU A 290 -12.22 29.89 -21.74
CA LEU A 290 -12.91 30.49 -20.59
C LEU A 290 -11.86 31.02 -19.63
N VAL A 291 -12.06 32.20 -19.08
CA VAL A 291 -11.05 32.79 -18.19
C VAL A 291 -11.57 32.68 -16.72
N GLY A 292 -10.83 31.99 -15.85
CA GLY A 292 -11.31 31.65 -14.52
C GLY A 292 -11.55 32.88 -13.61
N ALA A 293 -10.66 33.87 -13.66
CA ALA A 293 -10.58 34.83 -12.55
C ALA A 293 -11.84 35.69 -12.36
N LYS A 294 -12.27 35.91 -11.11
CA LYS A 294 -13.41 36.79 -10.85
C LYS A 294 -13.00 38.22 -11.26
N GLY A 295 -13.86 38.91 -12.01
CA GLY A 295 -13.67 40.27 -12.48
C GLY A 295 -13.13 40.31 -13.91
N GLU A 296 -12.65 39.15 -14.38
CA GLU A 296 -12.20 39.06 -15.75
C GLU A 296 -13.37 38.62 -16.64
N PRO A 297 -13.25 38.83 -17.97
CA PRO A 297 -14.31 38.41 -18.92
C PRO A 297 -14.61 36.90 -18.85
N SER A 298 -15.83 36.50 -19.20
CA SER A 298 -16.21 35.11 -19.29
C SER A 298 -15.20 34.36 -20.18
N SER A 299 -14.69 34.96 -21.25
CA SER A 299 -13.96 34.13 -22.20
C SER A 299 -13.06 35.00 -23.06
N LEU A 300 -12.16 34.34 -23.78
CA LEU A 300 -11.38 35.02 -24.82
C LEU A 300 -11.41 34.21 -26.09
N PRO A 301 -11.30 34.90 -27.23
CA PRO A 301 -11.46 34.19 -28.50
C PRO A 301 -10.18 33.41 -28.79
N VAL A 302 -10.33 32.37 -29.61
CA VAL A 302 -9.16 31.61 -30.06
C VAL A 302 -8.92 32.00 -31.50
N LYS A 303 -7.68 32.33 -31.86
CA LYS A 303 -7.41 32.77 -33.24
C LYS A 303 -6.60 31.70 -33.97
N LYS A 304 -7.12 31.23 -35.12
CA LYS A 304 -6.33 30.28 -35.86
C LYS A 304 -5.25 31.02 -36.64
N VAL A 305 -3.98 30.64 -36.49
CA VAL A 305 -2.89 31.39 -37.08
C VAL A 305 -2.14 30.50 -38.07
N ALA A 306 -2.34 29.18 -38.07
CA ALA A 306 -1.83 28.27 -39.13
C ALA A 306 -2.66 27.00 -39.08
N SER A 307 -2.56 26.07 -40.08
CA SER A 307 -3.48 24.94 -40.14
C SER A 307 -3.53 24.14 -38.83
N ASP A 308 -2.42 24.16 -38.09
CA ASP A 308 -2.30 23.28 -36.93
C ASP A 308 -2.07 24.11 -35.65
N THR A 309 -2.32 25.45 -35.73
CA THR A 309 -1.90 26.41 -34.69
C THR A 309 -2.96 27.48 -34.41
N TRP A 310 -3.19 27.71 -33.10
CA TRP A 310 -4.09 28.73 -32.59
C TRP A 310 -3.40 29.46 -31.44
N GLU A 311 -3.91 30.70 -31.21
CA GLU A 311 -3.43 31.60 -30.19
C GLU A 311 -4.56 32.13 -29.33
N ILE A 312 -4.20 32.40 -28.05
CA ILE A 312 -5.12 33.11 -27.17
C ILE A 312 -4.24 34.22 -26.59
N LYS A 313 -4.71 35.48 -26.54
CA LYS A 313 -3.85 36.54 -25.97
C LYS A 313 -4.43 37.06 -24.68
N MET A 314 -3.55 37.24 -23.67
CA MET A 314 -4.03 37.68 -22.36
C MET A 314 -3.20 38.89 -21.99
N ASP A 315 -3.90 39.98 -21.65
CA ASP A 315 -3.24 41.18 -21.11
C ASP A 315 -2.69 40.99 -19.69
N LYS A 316 -3.25 40.04 -18.94
CA LYS A 316 -2.81 39.79 -17.57
C LYS A 316 -3.43 38.47 -17.12
N VAL A 317 -2.76 37.87 -16.14
CA VAL A 317 -3.34 36.71 -15.49
C VAL A 317 -3.51 37.08 -14.01
N VAL A 318 -4.75 37.08 -13.52
CA VAL A 318 -5.10 37.62 -12.22
C VAL A 318 -4.78 36.57 -11.16
N THR A 319 -5.13 35.30 -11.41
CA THR A 319 -4.90 34.22 -10.44
C THR A 319 -4.74 32.91 -11.21
N PRO A 320 -4.02 31.88 -10.69
CA PRO A 320 -4.00 30.57 -11.32
C PRO A 320 -5.34 29.91 -10.95
N ALA A 321 -5.66 28.79 -11.58
CA ALA A 321 -6.83 28.01 -11.19
C ALA A 321 -6.49 26.53 -11.37
N HIS A 322 -7.31 25.60 -10.87
CA HIS A 322 -6.86 24.22 -11.02
C HIS A 322 -8.03 23.30 -11.37
N GLN A 323 -8.83 22.90 -10.37
CA GLN A 323 -9.80 21.82 -10.65
C GLN A 323 -10.96 22.32 -11.50
N ALA A 324 -11.54 21.41 -12.28
CA ALA A 324 -12.54 21.87 -13.24
C ALA A 324 -13.60 20.77 -13.40
N GLY A 325 -14.82 21.14 -13.81
CA GLY A 325 -15.79 20.12 -14.24
C GLY A 325 -17.15 20.69 -14.71
N PHE A 326 -17.86 19.83 -15.47
CA PHE A 326 -19.23 20.05 -15.87
C PHE A 326 -20.12 19.39 -14.84
N SER A 327 -21.30 20.04 -14.62
CA SER A 327 -22.35 19.33 -13.89
C SER A 327 -22.94 18.16 -14.70
N PRO A 328 -23.69 17.20 -14.10
CA PRO A 328 -24.16 16.00 -14.84
C PRO A 328 -25.02 16.31 -16.08
N ASP A 329 -25.74 17.42 -16.03
CA ASP A 329 -26.58 17.78 -17.17
C ASP A 329 -25.78 18.58 -18.20
N GLY A 330 -24.53 18.95 -17.91
CA GLY A 330 -23.75 19.63 -18.94
C GLY A 330 -24.04 21.15 -19.02
N LYS A 331 -24.96 21.69 -18.20
CA LYS A 331 -25.41 23.07 -18.38
C LYS A 331 -24.66 24.05 -17.47
N ASN A 332 -23.76 23.53 -16.63
CA ASN A 332 -22.88 24.37 -15.82
C ASN A 332 -21.43 23.88 -15.97
N PHE A 333 -20.44 24.80 -15.97
CA PHE A 333 -19.04 24.43 -15.94
C PHE A 333 -18.39 25.22 -14.82
N LEU A 334 -17.57 24.53 -14.00
CA LEU A 334 -16.97 25.10 -12.80
C LEU A 334 -15.46 25.08 -12.98
N PHE A 335 -14.78 26.12 -12.46
CA PHE A 335 -13.32 26.13 -12.58
C PHE A 335 -12.88 26.78 -11.27
N MET A 336 -11.92 26.17 -10.56
CA MET A 336 -11.63 26.65 -9.20
C MET A 336 -10.43 27.58 -9.29
N ASN A 337 -10.64 28.88 -9.05
CA ASN A 337 -9.51 29.81 -8.88
C ASN A 337 -8.81 29.47 -7.57
N GLY A 338 -7.48 29.58 -7.52
CA GLY A 338 -6.78 29.26 -6.27
C GLY A 338 -5.68 30.30 -5.96
N VAL A 339 -5.39 30.45 -4.68
CA VAL A 339 -4.24 31.18 -4.20
C VAL A 339 -4.45 32.69 -4.26
N ARG A 340 -4.40 33.31 -5.44
CA ARG A 340 -4.65 34.74 -5.44
C ARG A 340 -6.15 35.05 -5.31
N GLN A 341 -7.02 34.15 -5.74
CA GLN A 341 -8.42 34.14 -5.32
C GLN A 341 -8.76 32.69 -5.03
N ASN A 342 -9.53 32.47 -3.98
CA ASN A 342 -10.06 31.13 -3.76
C ASN A 342 -11.57 31.21 -3.92
N ASN A 343 -12.08 30.55 -4.97
CA ASN A 343 -13.53 30.56 -5.23
C ASN A 343 -13.90 29.47 -6.23
N ILE A 344 -15.21 29.35 -6.47
CA ILE A 344 -15.71 28.46 -7.51
C ILE A 344 -16.34 29.34 -8.59
N MET A 345 -15.72 29.36 -9.78
CA MET A 345 -16.29 30.15 -10.88
C MET A 345 -17.27 29.26 -11.66
N VAL A 346 -18.46 29.79 -12.03
CA VAL A 346 -19.49 28.95 -12.68
C VAL A 346 -19.91 29.63 -14.00
N TRP A 347 -19.96 28.87 -15.12
CA TRP A 347 -20.43 29.41 -16.39
C TRP A 347 -21.75 28.73 -16.72
N ASP A 348 -22.62 29.47 -17.40
CA ASP A 348 -23.81 28.91 -18.02
C ASP A 348 -23.39 28.30 -19.37
N THR A 349 -23.34 26.96 -19.42
CA THR A 349 -22.95 26.19 -20.61
C THR A 349 -24.20 25.60 -21.29
N SER A 350 -25.39 26.15 -21.01
CA SER A 350 -26.61 25.44 -21.41
C SER A 350 -26.75 25.44 -22.95
N ASN A 351 -26.05 26.38 -23.63
CA ASN A 351 -25.99 26.45 -25.08
C ASN A 351 -25.02 25.39 -25.67
N HIS A 352 -25.55 24.19 -25.92
CA HIS A 352 -24.72 23.08 -26.40
C HIS A 352 -24.20 23.32 -27.81
N ALA A 353 -24.83 24.22 -28.57
CA ALA A 353 -24.39 24.38 -29.96
C ALA A 353 -23.16 25.28 -30.08
N ASP A 354 -22.97 26.19 -29.13
CA ASP A 354 -21.94 27.18 -29.38
C ASP A 354 -21.28 27.65 -28.10
N PRO A 355 -20.12 27.06 -27.70
CA PRO A 355 -19.37 27.45 -26.49
C PRO A 355 -18.88 28.90 -26.44
N THR A 356 -18.71 29.58 -27.61
CA THR A 356 -18.47 31.01 -27.57
C THR A 356 -19.56 31.80 -26.87
N LYS A 357 -20.75 31.24 -26.61
CA LYS A 357 -21.76 31.96 -25.85
C LYS A 357 -21.74 31.59 -24.37
N TRP A 358 -20.85 30.72 -23.91
CA TRP A 358 -20.83 30.32 -22.50
C TRP A 358 -20.35 31.50 -21.64
N THR A 359 -21.17 31.92 -20.66
CA THR A 359 -20.85 33.08 -19.85
C THR A 359 -20.85 32.77 -18.36
N LYS A 360 -20.10 33.57 -17.58
CA LYS A 360 -20.11 33.42 -16.13
C LYS A 360 -21.51 33.70 -15.65
N LYS A 361 -21.97 32.90 -14.68
CA LYS A 361 -23.31 33.11 -14.18
C LYS A 361 -23.30 33.21 -12.66
N ALA A 362 -22.25 32.72 -12.00
CA ALA A 362 -22.20 32.80 -10.54
C ALA A 362 -20.77 32.56 -10.10
N VAL A 363 -20.47 32.93 -8.85
CA VAL A 363 -19.15 32.63 -8.27
C VAL A 363 -19.42 32.31 -6.81
N VAL A 364 -18.91 31.17 -6.36
CA VAL A 364 -19.06 30.90 -4.95
C VAL A 364 -17.82 31.39 -4.22
N GLU A 365 -18.10 32.15 -3.17
CA GLU A 365 -17.04 32.71 -2.35
C GLU A 365 -17.42 32.52 -0.87
N ASP A 366 -16.44 32.76 0.01
CA ASP A 366 -16.66 32.66 1.43
C ASP A 366 -15.64 33.50 2.16
N PRO A 367 -16.00 34.24 3.22
CA PRO A 367 -14.97 35.01 3.92
C PRO A 367 -13.84 34.14 4.47
N GLY A 368 -14.19 32.92 4.84
CA GLY A 368 -13.22 31.98 5.35
C GLY A 368 -12.23 31.51 4.26
N TRP A 369 -12.39 31.99 3.02
CA TRP A 369 -11.52 31.54 1.91
C TRP A 369 -10.63 32.70 1.40
N ARG A 370 -10.56 33.85 2.14
CA ARG A 370 -9.82 35.04 1.71
C ARG A 370 -8.31 34.91 1.78
N GLY A 371 -7.73 34.01 2.59
CA GLY A 371 -6.29 33.88 2.65
C GLY A 371 -5.77 33.15 1.40
N SER A 372 -4.47 32.84 1.43
CA SER A 372 -3.85 32.00 0.39
C SER A 372 -4.56 30.64 0.28
N TYR A 373 -4.96 30.09 1.42
CA TYR A 373 -5.59 28.79 1.56
C TYR A 373 -6.81 29.02 2.44
N PRO A 374 -7.86 28.15 2.43
CA PRO A 374 -7.89 26.92 1.62
C PRO A 374 -8.09 27.12 0.14
N ASN A 375 -7.61 26.16 -0.70
CA ASN A 375 -7.96 26.13 -2.11
C ASN A 375 -9.24 25.27 -2.31
N THR A 376 -10.22 25.82 -3.08
CA THR A 376 -11.40 25.10 -3.52
C THR A 376 -10.83 24.06 -4.48
N PHE A 377 -11.16 22.77 -4.36
CA PHE A 377 -10.30 21.76 -4.94
C PHE A 377 -11.16 20.75 -5.71
N HIS A 378 -10.99 19.42 -5.51
CA HIS A 378 -11.65 18.48 -6.42
C HIS A 378 -13.15 18.50 -6.08
N MET A 379 -13.97 17.89 -6.95
CA MET A 379 -15.41 17.98 -6.73
C MET A 379 -16.10 16.70 -7.19
N VAL A 380 -17.35 16.58 -6.73
CA VAL A 380 -18.29 15.58 -7.31
C VAL A 380 -19.70 16.13 -7.11
N PHE A 381 -20.53 15.97 -8.14
CA PHE A 381 -21.92 16.40 -8.07
C PHE A 381 -22.79 15.22 -7.70
N THR A 382 -23.96 15.53 -7.11
CA THR A 382 -25.01 14.54 -6.99
C THR A 382 -25.55 14.25 -8.37
N PRO A 383 -26.00 13.01 -8.66
CA PRO A 383 -26.53 12.73 -10.00
C PRO A 383 -27.68 13.65 -10.40
N ASP A 384 -28.47 14.09 -9.42
CA ASP A 384 -29.57 14.97 -9.78
C ASP A 384 -29.10 16.41 -9.97
N GLY A 385 -27.83 16.72 -9.78
CA GLY A 385 -27.35 18.08 -10.01
C GLY A 385 -27.64 19.07 -8.86
N ARG A 386 -28.31 18.66 -7.78
CA ARG A 386 -28.69 19.69 -6.82
C ARG A 386 -27.55 20.18 -5.91
N LYS A 387 -26.52 19.34 -5.66
CA LYS A 387 -25.43 19.70 -4.76
C LYS A 387 -24.12 19.35 -5.44
N VAL A 388 -23.08 20.16 -5.17
CA VAL A 388 -21.73 19.72 -5.55
C VAL A 388 -20.89 19.74 -4.25
N TYR A 389 -20.07 18.70 -4.08
CA TYR A 389 -19.18 18.60 -2.94
C TYR A 389 -17.80 19.02 -3.42
N VAL A 390 -17.06 19.85 -2.64
CA VAL A 390 -15.79 20.38 -3.13
C VAL A 390 -14.82 20.34 -1.96
N THR A 391 -13.67 19.70 -2.19
CA THR A 391 -12.67 19.62 -1.14
C THR A 391 -11.99 20.98 -0.97
N LEU A 392 -11.53 21.19 0.27
CA LEU A 392 -10.88 22.42 0.68
C LEU A 392 -9.47 22.00 1.06
N TRP A 393 -8.49 22.39 0.22
CA TRP A 393 -7.09 21.94 0.44
C TRP A 393 -6.34 23.04 1.21
N TRP A 394 -5.49 22.58 2.13
CA TRP A 394 -4.49 23.42 2.77
C TRP A 394 -3.17 22.70 2.95
N PRO A 395 -2.05 23.44 2.99
CA PRO A 395 -0.80 22.85 3.43
C PRO A 395 -0.92 22.42 4.87
N SER A 396 -0.02 21.54 5.28
CA SER A 396 0.15 21.23 6.69
C SER A 396 0.29 22.51 7.55
N PRO A 397 -0.18 22.57 8.83
CA PRO A 397 -0.94 21.50 9.48
C PRO A 397 -2.46 21.69 9.52
N THR A 398 -3.03 22.56 8.68
CA THR A 398 -4.43 22.88 8.96
C THR A 398 -5.29 21.72 8.48
N PRO A 399 -6.31 21.24 9.23
CA PRO A 399 -7.17 20.17 8.72
C PRO A 399 -7.79 20.59 7.40
N ASN A 400 -7.77 19.66 6.42
CA ASN A 400 -8.44 19.91 5.16
C ASN A 400 -9.87 19.44 5.32
N GLY A 401 -10.72 19.93 4.41
CA GLY A 401 -12.11 19.47 4.53
C GLY A 401 -12.92 19.29 3.22
N ILE A 402 -14.24 19.37 3.38
CA ILE A 402 -15.23 19.25 2.33
C ILE A 402 -16.27 20.34 2.51
N ALA A 403 -16.43 21.09 1.44
CA ALA A 403 -17.47 22.09 1.32
C ALA A 403 -18.64 21.44 0.59
N VAL A 404 -19.87 21.69 1.09
CA VAL A 404 -21.11 21.26 0.47
C VAL A 404 -21.76 22.50 -0.16
N VAL A 405 -21.90 22.43 -1.48
CA VAL A 405 -22.35 23.61 -2.18
C VAL A 405 -23.70 23.32 -2.79
N ASP A 406 -24.61 24.29 -2.66
CA ASP A 406 -25.88 24.18 -3.38
C ASP A 406 -25.69 24.49 -4.88
N ALA A 407 -25.91 23.51 -5.76
CA ALA A 407 -25.53 23.64 -7.17
C ALA A 407 -26.70 24.22 -7.99
N ARG A 408 -27.71 24.80 -7.31
CA ARG A 408 -28.76 25.54 -8.04
C ARG A 408 -28.65 27.04 -7.78
N ASN A 409 -28.54 27.42 -6.50
CA ASN A 409 -28.36 28.80 -6.06
C ASN A 409 -26.88 29.20 -5.98
N TRP A 410 -25.94 28.24 -6.05
CA TRP A 410 -24.50 28.53 -5.96
C TRP A 410 -24.13 29.28 -4.70
N LYS A 411 -24.40 28.63 -3.56
CA LYS A 411 -24.25 29.18 -2.21
C LYS A 411 -23.58 28.07 -1.40
N LEU A 412 -22.57 28.41 -0.60
CA LEU A 412 -21.99 27.42 0.33
C LEU A 412 -22.99 27.04 1.41
N LEU A 413 -23.16 25.74 1.66
CA LEU A 413 -24.17 25.29 2.62
C LEU A 413 -23.51 24.88 3.93
N LYS A 414 -22.32 24.28 3.84
CA LYS A 414 -21.71 23.61 4.98
C LYS A 414 -20.23 23.33 4.68
N SER A 415 -19.40 23.30 5.73
CA SER A 415 -18.02 22.95 5.59
C SER A 415 -17.65 22.04 6.76
N VAL A 416 -17.03 20.90 6.44
CA VAL A 416 -16.72 19.84 7.41
C VAL A 416 -15.23 19.57 7.33
N ASP A 417 -14.56 19.51 8.50
CA ASP A 417 -13.14 19.17 8.61
C ASP A 417 -12.93 17.64 8.55
N ILE A 418 -11.95 17.16 7.78
CA ILE A 418 -11.72 15.72 7.59
C ILE A 418 -10.35 15.28 8.13
N GLY A 419 -9.28 15.88 7.63
CA GLY A 419 -7.96 15.41 7.93
C GLY A 419 -6.95 16.00 6.95
N PRO A 420 -5.66 15.64 7.05
CA PRO A 420 -4.63 16.33 6.27
C PRO A 420 -4.61 15.93 4.79
N ASP A 421 -4.43 16.91 3.91
CA ASP A 421 -4.14 16.64 2.50
C ASP A 421 -5.33 15.94 1.83
N MET A 422 -6.49 16.61 1.82
CA MET A 422 -7.67 15.99 1.23
C MET A 422 -7.56 16.05 -0.30
N HIS A 423 -7.85 14.95 -0.98
CA HIS A 423 -7.93 15.04 -2.45
C HIS A 423 -9.37 14.85 -2.99
N THR A 424 -9.56 13.80 -3.80
CA THR A 424 -10.71 13.63 -4.68
C THR A 424 -11.95 13.12 -3.93
N LEU A 425 -13.10 13.28 -4.62
CA LEU A 425 -14.34 12.76 -4.13
C LEU A 425 -14.99 12.00 -5.29
N ALA A 426 -15.67 10.93 -4.90
CA ALA A 426 -16.50 10.16 -5.82
C ALA A 426 -17.87 10.07 -5.14
N ILE A 427 -18.88 9.52 -5.84
CA ILE A 427 -20.19 9.41 -5.23
C ILE A 427 -20.81 8.09 -5.67
N THR A 428 -21.44 7.36 -4.73
CA THR A 428 -22.19 6.20 -5.19
C THR A 428 -23.22 6.63 -6.24
N TYR A 429 -23.53 5.74 -7.19
CA TYR A 429 -24.22 6.24 -8.37
C TYR A 429 -25.72 6.39 -8.08
N ASP A 430 -26.21 5.81 -6.98
CA ASP A 430 -27.58 6.11 -6.57
C ASP A 430 -27.59 7.45 -5.81
N GLY A 431 -26.43 8.13 -5.74
CA GLY A 431 -26.41 9.47 -5.18
C GLY A 431 -26.32 9.51 -3.65
N LYS A 432 -26.23 8.35 -2.98
CA LYS A 432 -26.45 8.41 -1.53
C LYS A 432 -25.19 8.72 -0.71
N TYR A 433 -23.97 8.32 -1.15
CA TYR A 433 -22.81 8.62 -0.32
C TYR A 433 -21.67 9.18 -1.17
N VAL A 434 -21.01 10.20 -0.63
CA VAL A 434 -19.77 10.70 -1.22
C VAL A 434 -18.65 9.88 -0.58
N VAL A 435 -17.66 9.49 -1.36
CA VAL A 435 -16.51 8.75 -0.80
C VAL A 435 -15.26 9.53 -1.21
N GLY A 436 -14.47 10.00 -0.24
CA GLY A 436 -13.24 10.74 -0.58
C GLY A 436 -11.94 10.13 -0.01
N VAL A 437 -10.79 10.73 -0.32
CA VAL A 437 -9.55 10.19 0.19
C VAL A 437 -8.75 11.37 0.69
N PHE A 438 -8.00 11.17 1.77
CA PHE A 438 -7.00 12.16 2.16
C PHE A 438 -5.71 11.40 2.35
N SER A 439 -4.56 12.12 2.30
CA SER A 439 -3.36 11.52 1.72
C SER A 439 -2.07 11.87 2.48
N GLY A 440 -2.20 12.54 3.64
CA GLY A 440 -1.03 12.74 4.51
C GLY A 440 0.20 13.40 3.89
N TYR A 441 0.06 14.10 2.74
CA TYR A 441 1.22 14.69 2.09
C TYR A 441 2.31 13.59 1.86
N GLN A 442 1.85 12.35 1.61
CA GLN A 442 2.70 11.15 1.32
C GLN A 442 3.51 10.75 2.56
N LYS A 443 3.16 11.23 3.78
CA LYS A 443 3.98 10.97 4.98
C LYS A 443 3.23 10.93 6.32
N THR A 444 2.02 11.49 6.42
CA THR A 444 1.26 11.42 7.66
C THR A 444 -0.11 10.80 7.41
N ALA A 445 -1.17 11.22 8.14
CA ALA A 445 -2.42 10.42 8.20
C ALA A 445 -3.11 10.41 6.85
N SER A 446 -3.61 9.22 6.53
CA SER A 446 -4.30 8.93 5.31
C SER A 446 -5.58 8.16 5.59
N GLY A 447 -6.51 8.19 4.62
CA GLY A 447 -7.77 7.50 4.91
C GLY A 447 -8.75 7.62 3.75
N ILE A 448 -9.79 6.81 3.87
CA ILE A 448 -10.97 6.86 3.02
C ILE A 448 -12.10 7.42 3.89
N VAL A 449 -12.78 8.48 3.43
CA VAL A 449 -13.84 9.12 4.20
C VAL A 449 -15.16 8.97 3.44
N ILE A 450 -16.25 8.74 4.18
CA ILE A 450 -17.55 8.49 3.57
C ILE A 450 -18.57 9.44 4.20
N MET A 451 -19.29 10.18 3.35
CA MET A 451 -20.24 11.16 3.84
C MET A 451 -21.64 10.82 3.27
N ASP A 452 -22.65 10.88 4.14
CA ASP A 452 -24.04 10.68 3.77
C ASP A 452 -24.54 11.97 3.08
N THR A 453 -25.11 11.89 1.88
CA THR A 453 -25.50 13.10 1.13
C THR A 453 -26.87 13.62 1.58
N LYS A 454 -27.63 12.81 2.29
CA LYS A 454 -28.90 13.31 2.84
C LYS A 454 -28.61 14.27 4.01
N SER A 455 -27.78 13.87 4.97
CA SER A 455 -27.54 14.65 6.16
C SER A 455 -26.25 15.49 6.04
N ASP A 456 -25.39 15.17 5.05
CA ASP A 456 -24.11 15.84 4.88
C ASP A 456 -23.24 15.64 6.10
N GLU A 457 -23.37 14.48 6.75
CA GLU A 457 -22.44 14.15 7.82
C GLU A 457 -21.52 13.01 7.38
N VAL A 458 -20.30 13.04 7.92
CA VAL A 458 -19.30 12.00 7.77
C VAL A 458 -19.80 10.78 8.54
N VAL A 459 -19.93 9.66 7.87
CA VAL A 459 -20.38 8.45 8.56
C VAL A 459 -19.19 7.63 9.04
N GLY A 460 -18.00 7.86 8.45
CA GLY A 460 -16.86 7.11 8.92
C GLY A 460 -15.62 7.27 8.02
N ILE A 461 -14.48 6.90 8.60
CA ILE A 461 -13.19 6.80 7.93
C ILE A 461 -12.75 5.36 7.98
N LEU A 462 -12.21 4.86 6.83
CA LEU A 462 -11.58 3.55 6.76
C LEU A 462 -10.08 3.75 6.50
N PRO A 463 -9.24 2.81 6.96
CA PRO A 463 -7.80 2.98 6.77
C PRO A 463 -7.48 2.85 5.28
N SER A 464 -6.33 3.41 4.94
CA SER A 464 -5.88 3.44 3.56
C SER A 464 -4.39 3.67 3.53
N VAL A 465 -3.65 2.66 3.01
CA VAL A 465 -2.24 2.85 2.77
C VAL A 465 -2.16 3.46 1.36
N GLY A 466 -2.18 4.78 1.32
CA GLY A 466 -2.24 5.50 0.04
C GLY A 466 -1.89 6.99 0.20
N GLY A 467 -1.18 7.51 -0.83
CA GLY A 467 -0.97 8.94 -1.08
C GLY A 467 -1.94 9.52 -2.13
N HIS A 468 -3.06 8.81 -2.37
CA HIS A 468 -3.99 8.96 -3.49
C HIS A 468 -4.26 10.42 -3.76
N HIS A 469 -4.04 10.80 -5.02
CA HIS A 469 -4.60 12.03 -5.55
C HIS A 469 -5.81 11.78 -6.44
N ASP A 470 -6.36 10.55 -6.39
CA ASP A 470 -7.53 10.26 -7.22
C ASP A 470 -8.38 9.23 -6.50
N CYS A 471 -9.65 9.04 -6.97
CA CYS A 471 -10.41 7.86 -6.53
C CYS A 471 -11.64 7.80 -7.46
N VAL A 472 -12.12 6.58 -7.79
CA VAL A 472 -13.32 6.45 -8.62
C VAL A 472 -14.14 5.34 -8.06
N ILE A 473 -15.45 5.40 -8.33
CA ILE A 473 -16.22 4.20 -8.05
C ILE A 473 -16.57 3.58 -9.40
N VAL A 474 -16.34 2.29 -9.53
CA VAL A 474 -16.41 1.66 -10.86
C VAL A 474 -17.84 1.83 -11.37
N PRO A 475 -18.07 2.47 -12.54
CA PRO A 475 -19.42 2.67 -13.04
C PRO A 475 -19.99 1.47 -13.81
N LYS A 476 -21.34 1.44 -13.89
CA LYS A 476 -22.01 0.40 -14.66
C LYS A 476 -22.44 0.91 -16.04
N THR A 477 -22.72 2.21 -16.14
CA THR A 477 -23.24 2.79 -17.37
C THR A 477 -22.57 4.12 -17.70
N VAL A 478 -22.90 4.61 -18.90
CA VAL A 478 -22.43 5.92 -19.34
C VAL A 478 -23.16 6.99 -18.55
N GLU A 479 -24.36 6.69 -18.00
CA GLU A 479 -25.01 7.69 -17.15
C GLU A 479 -24.22 7.88 -15.85
N ASP A 480 -23.65 6.80 -15.33
CA ASP A 480 -22.83 6.92 -14.12
C ASP A 480 -21.60 7.81 -14.40
N LEU A 481 -21.03 7.76 -15.63
CA LEU A 481 -19.83 8.57 -15.89
C LEU A 481 -20.06 10.07 -15.71
N ARG A 482 -21.34 10.46 -15.70
CA ARG A 482 -21.68 11.88 -15.57
C ARG A 482 -21.28 12.41 -14.18
N CYS A 483 -21.11 11.51 -13.19
CA CYS A 483 -20.53 12.00 -11.95
C CYS A 483 -19.34 11.11 -11.55
N SER A 484 -18.49 10.75 -12.52
CA SER A 484 -17.25 10.04 -12.25
C SER A 484 -16.08 10.85 -12.85
N ARG A 485 -14.94 10.18 -13.06
CA ARG A 485 -13.77 10.83 -13.59
C ARG A 485 -13.85 10.94 -15.13
N CYS A 486 -14.70 11.84 -15.60
CA CYS A 486 -15.06 12.03 -16.98
C CYS A 486 -15.48 13.49 -17.15
N THR A 487 -16.51 13.93 -16.38
CA THR A 487 -17.02 15.28 -16.27
C THR A 487 -16.22 16.24 -15.41
N THR A 488 -15.52 15.74 -14.39
CA THR A 488 -14.83 16.66 -13.49
C THR A 488 -13.57 15.95 -13.03
N THR A 489 -12.67 16.75 -12.43
CA THR A 489 -11.52 16.23 -11.68
C THR A 489 -11.97 16.19 -10.22
N THR B 24 -27.39 6.70 7.27
CA THR B 24 -28.01 5.88 8.41
C THR B 24 -27.05 5.26 9.44
N THR B 25 -25.85 4.70 9.17
CA THR B 25 -25.06 4.13 10.29
C THR B 25 -23.64 4.70 10.30
N LYS B 26 -23.17 5.17 11.46
CA LYS B 26 -21.82 5.70 11.58
C LYS B 26 -20.90 4.62 12.17
N ILE B 27 -19.58 4.75 11.90
CA ILE B 27 -18.63 3.68 12.27
C ILE B 27 -18.15 3.85 13.72
N GLU B 28 -18.43 5.01 14.37
CA GLU B 28 -17.81 5.38 15.63
C GLU B 28 -17.99 4.25 16.66
N GLU B 29 -19.20 3.68 16.79
CA GLU B 29 -19.38 2.61 17.78
C GLU B 29 -18.55 1.35 17.44
N PHE B 30 -18.31 1.05 16.15
CA PHE B 30 -17.46 -0.09 15.84
C PHE B 30 -16.03 0.15 16.35
N TYR B 31 -15.48 1.36 16.07
CA TYR B 31 -14.11 1.60 16.50
C TYR B 31 -14.03 1.80 18.01
N ALA B 32 -15.11 2.27 18.65
CA ALA B 32 -14.97 2.71 20.04
C ALA B 32 -14.77 1.43 20.86
N GLN B 33 -15.32 0.29 20.42
CA GLN B 33 -15.16 -0.96 21.18
C GLN B 33 -13.70 -1.34 21.42
N PHE B 34 -12.76 -0.81 20.65
CA PHE B 34 -11.42 -1.42 20.63
C PHE B 34 -10.52 -0.77 21.67
N GLY B 35 -10.83 0.45 22.11
CA GLY B 35 -9.75 1.08 22.88
C GLY B 35 -8.58 1.55 21.99
N LYS B 36 -7.50 2.07 22.59
CA LYS B 36 -6.50 2.83 21.86
C LYS B 36 -5.34 1.88 21.53
N TYR B 37 -5.44 1.24 20.35
CA TYR B 37 -4.34 0.40 19.88
C TYR B 37 -4.01 0.72 18.44
N ILE B 38 -2.73 0.47 18.08
CA ILE B 38 -2.24 0.81 16.76
C ILE B 38 -1.77 -0.49 16.11
N LEU B 39 -2.30 -0.75 14.92
CA LEU B 39 -1.95 -1.95 14.18
C LEU B 39 -0.85 -1.63 13.19
N LEU B 40 0.23 -2.40 13.23
CA LEU B 40 1.35 -2.19 12.30
C LEU B 40 1.40 -3.39 11.35
N VAL B 41 1.55 -3.12 10.05
CA VAL B 41 1.58 -4.14 9.02
C VAL B 41 2.72 -3.90 8.03
N PRO B 42 3.41 -4.95 7.59
CA PRO B 42 4.13 -4.87 6.32
C PRO B 42 3.28 -5.30 5.11
N GLY B 43 3.71 -4.95 3.90
CA GLY B 43 2.79 -5.22 2.82
C GLY B 43 3.34 -6.27 1.88
N LYS B 44 4.47 -6.97 2.20
CA LYS B 44 5.01 -7.95 1.25
C LYS B 44 5.19 -7.31 -0.14
N PHE B 45 4.45 -7.76 -1.18
CA PHE B 45 4.71 -7.27 -2.53
C PHE B 45 4.27 -5.84 -2.73
N THR B 46 3.53 -5.28 -1.77
CA THR B 46 3.19 -3.88 -1.94
C THR B 46 4.44 -3.03 -1.66
N GLY B 47 5.31 -3.52 -0.82
CA GLY B 47 6.55 -2.79 -0.53
C GLY B 47 6.40 -1.74 0.57
N THR B 48 5.25 -1.74 1.29
CA THR B 48 5.06 -0.65 2.24
C THR B 48 5.07 -1.18 3.68
N VAL B 49 5.09 -0.23 4.66
CA VAL B 49 4.75 -0.56 6.05
C VAL B 49 3.82 0.55 6.49
N ALA B 50 2.90 0.25 7.41
CA ALA B 50 1.81 1.19 7.72
C ALA B 50 1.34 0.93 9.14
N ALA B 51 0.88 2.01 9.78
CA ALA B 51 0.34 1.89 11.13
C ALA B 51 -1.09 2.45 11.04
N HIS B 52 -2.04 1.71 11.62
CA HIS B 52 -3.42 2.13 11.61
C HIS B 52 -3.91 2.34 13.04
N ASP B 53 -4.68 3.41 13.21
CA ASP B 53 -5.29 3.66 14.51
C ASP B 53 -6.64 2.98 14.65
N LEU B 54 -6.75 1.94 15.51
CA LEU B 54 -7.99 1.18 15.62
C LEU B 54 -9.12 2.00 16.26
N SER B 55 -8.79 3.15 16.89
CA SER B 55 -9.78 3.95 17.58
C SER B 55 -10.47 4.89 16.61
N THR B 56 -9.86 5.12 15.44
CA THR B 56 -10.44 6.14 14.57
C THR B 56 -10.58 5.69 13.12
N GLY B 57 -9.93 4.59 12.77
CA GLY B 57 -9.99 4.18 11.37
C GLY B 57 -8.85 4.80 10.55
N ARG B 58 -8.08 5.76 11.09
CA ARG B 58 -7.11 6.45 10.23
C ARG B 58 -5.84 5.63 10.11
N THR B 59 -5.24 5.68 8.91
CA THR B 59 -3.86 5.25 8.79
C THR B 59 -3.02 6.42 9.28
N LEU B 60 -2.25 6.17 10.33
CA LEU B 60 -1.43 7.21 10.94
C LEU B 60 -0.27 7.65 10.04
N ALA B 61 0.37 6.66 9.40
CA ALA B 61 1.59 6.83 8.64
C ALA B 61 1.84 5.56 7.81
N TRP B 62 2.55 5.78 6.71
CA TRP B 62 3.05 4.66 5.96
C TRP B 62 4.37 5.04 5.29
N LEU B 63 5.14 4.01 4.86
CA LEU B 63 6.38 4.25 4.17
C LEU B 63 6.49 3.25 3.03
N ALA B 64 6.94 3.74 1.84
CA ALA B 64 7.11 2.85 0.68
C ALA B 64 8.61 2.64 0.45
N GLY B 65 9.09 1.41 0.62
CA GLY B 65 10.53 1.11 0.49
C GLY B 65 11.18 1.55 -0.83
N TRP B 66 10.45 1.44 -1.95
CA TRP B 66 11.05 1.75 -3.25
C TRP B 66 11.35 3.25 -3.34
N ASN B 67 10.63 4.09 -2.53
CA ASN B 67 10.94 5.52 -2.57
C ASN B 67 12.38 5.78 -2.13
N TYR B 68 12.93 4.93 -1.27
CA TYR B 68 14.29 5.06 -0.77
C TYR B 68 15.34 4.34 -1.63
N GLY B 69 14.91 3.78 -2.73
CA GLY B 69 15.86 3.18 -3.67
C GLY B 69 16.06 1.69 -3.44
N ASP B 70 15.25 1.11 -2.54
CA ASP B 70 15.20 -0.33 -2.43
C ASP B 70 14.34 -0.83 -3.60
N THR B 71 14.98 -1.38 -4.65
CA THR B 71 14.15 -1.76 -5.80
C THR B 71 13.41 -3.09 -5.66
N ASN B 72 13.60 -3.80 -4.54
CA ASN B 72 12.82 -5.04 -4.44
C ASN B 72 12.37 -5.16 -2.97
N PRO B 73 11.56 -4.19 -2.49
CA PRO B 73 11.21 -4.07 -1.09
C PRO B 73 10.08 -5.04 -0.71
N ILE B 74 10.41 -6.34 -0.70
CA ILE B 74 9.47 -7.35 -0.23
C ILE B 74 9.42 -7.32 1.31
N MET B 75 8.57 -6.43 1.85
CA MET B 75 8.52 -6.12 3.29
C MET B 75 7.91 -7.30 4.00
N HIS B 76 8.73 -7.99 4.83
CA HIS B 76 8.36 -9.35 5.21
C HIS B 76 7.90 -9.44 6.66
N HIS B 77 8.83 -9.41 7.64
CA HIS B 77 8.42 -9.62 9.01
C HIS B 77 8.86 -8.39 9.82
N MET B 78 8.30 -8.25 11.01
CA MET B 78 8.54 -7.08 11.83
C MET B 78 8.23 -7.38 13.28
N ALA B 79 8.84 -6.55 14.16
CA ALA B 79 8.38 -6.54 15.53
C ALA B 79 8.59 -5.13 16.04
N ALA B 80 7.70 -4.73 16.95
CA ALA B 80 7.78 -3.40 17.53
C ALA B 80 8.24 -3.46 19.00
N PHE B 81 8.83 -2.34 19.48
CA PHE B 81 9.30 -2.29 20.88
C PHE B 81 8.32 -1.53 21.80
N PRO B 82 8.30 -1.79 23.14
CA PRO B 82 7.42 -1.08 24.05
C PRO B 82 7.65 0.41 23.97
N SER B 83 6.50 1.09 23.95
CA SER B 83 6.45 2.53 23.91
C SER B 83 5.53 3.05 25.00
N PRO B 84 6.01 3.98 25.85
CA PRO B 84 5.18 4.56 26.92
C PRO B 84 3.88 5.12 26.37
N ASP B 85 3.96 5.69 25.16
CA ASP B 85 2.72 6.14 24.52
C ASP B 85 2.85 5.99 23.01
N PRO B 86 2.30 4.86 22.46
CA PRO B 86 2.52 4.57 21.05
C PRO B 86 2.03 5.72 20.20
N TYR B 87 1.04 6.48 20.68
CA TYR B 87 0.49 7.54 19.84
C TYR B 87 1.47 8.68 19.63
N LYS B 88 2.40 8.86 20.58
CA LYS B 88 3.39 9.89 20.49
C LYS B 88 4.63 9.41 19.77
N GLY B 89 4.85 8.08 19.73
CA GLY B 89 6.03 7.63 19.00
C GLY B 89 6.30 6.16 19.32
N PHE B 90 6.90 5.44 18.36
CA PHE B 90 7.29 4.07 18.70
C PHE B 90 8.31 3.67 17.67
N GLU B 91 8.92 2.51 17.85
CA GLU B 91 9.95 2.05 16.94
C GLU B 91 9.72 0.57 16.66
N PHE B 92 10.23 0.12 15.52
CA PHE B 92 10.09 -1.28 15.09
C PHE B 92 11.19 -1.62 14.09
N ILE B 93 11.39 -2.93 13.87
CA ILE B 93 12.29 -3.48 12.87
C ILE B 93 11.40 -4.17 11.83
N VAL B 94 11.61 -3.87 10.56
CA VAL B 94 10.96 -4.67 9.51
C VAL B 94 12.07 -5.05 8.53
N ASN B 95 11.99 -6.28 8.00
CA ASN B 95 13.01 -6.81 7.06
C ASN B 95 12.35 -7.03 5.68
N THR B 96 13.20 -7.25 4.66
CA THR B 96 12.76 -7.54 3.32
C THR B 96 13.42 -8.83 2.84
N GLN B 97 12.77 -9.45 1.89
CA GLN B 97 13.41 -10.45 1.04
C GLN B 97 13.77 -9.84 -0.31
N GLY B 98 14.46 -10.60 -1.16
CA GLY B 98 14.95 -10.06 -2.41
C GLY B 98 15.16 -11.20 -3.40
N GLY B 99 15.87 -10.90 -4.48
CA GLY B 99 16.12 -11.89 -5.53
C GLY B 99 14.85 -12.57 -6.01
N LYS B 100 14.89 -13.90 -6.14
CA LYS B 100 13.84 -14.63 -6.85
C LYS B 100 12.60 -14.83 -6.03
N ASN B 101 12.60 -14.29 -4.80
CA ASN B 101 11.39 -14.32 -4.01
C ASN B 101 10.33 -13.49 -4.72
N LEU B 102 10.76 -12.65 -5.67
CA LEU B 102 9.80 -11.84 -6.42
C LEU B 102 8.99 -12.72 -7.36
N PHE B 103 9.47 -13.96 -7.59
CA PHE B 103 8.91 -14.75 -8.67
C PHE B 103 8.03 -15.90 -8.21
N ILE B 104 7.68 -15.98 -6.92
CA ILE B 104 7.04 -17.19 -6.42
C ILE B 104 5.54 -17.05 -6.26
N TYR B 105 4.93 -15.87 -6.58
CA TYR B 105 3.49 -15.69 -6.34
C TYR B 105 2.74 -15.58 -7.67
N GLY B 106 3.39 -15.96 -8.77
CA GLY B 106 2.61 -16.05 -9.99
C GLY B 106 2.34 -14.67 -10.59
N ILE B 107 3.02 -13.63 -10.07
CA ILE B 107 2.88 -12.32 -10.76
C ILE B 107 3.59 -12.37 -12.12
N PRO B 108 2.93 -12.05 -13.27
CA PRO B 108 3.63 -12.20 -14.56
C PRO B 108 4.58 -11.02 -14.87
N THR B 109 5.58 -10.80 -14.01
CA THR B 109 6.55 -9.70 -14.19
C THR B 109 7.64 -10.13 -15.18
N THR B 110 8.12 -9.19 -16.01
CA THR B 110 9.26 -9.48 -16.87
C THR B 110 10.59 -9.05 -16.25
N VAL B 111 10.59 -8.67 -14.98
CA VAL B 111 11.88 -8.31 -14.38
C VAL B 111 12.89 -9.46 -14.46
N LYS B 112 14.11 -9.14 -14.90
CA LYS B 112 15.20 -10.07 -15.23
C LYS B 112 16.10 -10.18 -14.01
N GLU B 113 16.44 -9.02 -13.39
CA GLU B 113 17.46 -9.00 -12.35
C GLU B 113 16.88 -8.33 -11.10
N PRO B 114 16.18 -9.06 -10.20
CA PRO B 114 15.47 -8.36 -9.13
C PRO B 114 16.48 -7.80 -8.16
N GLY B 115 16.10 -6.70 -7.47
CA GLY B 115 16.90 -6.17 -6.38
C GLY B 115 17.26 -7.29 -5.38
N GLU B 116 18.47 -7.19 -4.81
CA GLU B 116 18.99 -8.23 -3.92
C GLU B 116 18.20 -8.36 -2.62
N GLY B 117 17.62 -7.26 -2.11
CA GLY B 117 16.87 -7.47 -0.86
C GLY B 117 17.71 -7.80 0.38
N PHE B 118 17.05 -8.47 1.34
CA PHE B 118 17.58 -8.92 2.61
C PHE B 118 17.94 -7.71 3.46
N ASN B 119 17.16 -6.61 3.37
CA ASN B 119 17.44 -5.46 4.22
C ASN B 119 16.81 -5.70 5.60
N ILE B 120 17.28 -4.96 6.62
CA ILE B 120 16.67 -4.93 7.93
C ILE B 120 16.62 -3.45 8.34
N TYR B 121 15.38 -2.94 8.42
CA TYR B 121 15.19 -1.50 8.55
C TYR B 121 14.71 -1.21 9.96
N ARG B 122 15.34 -0.20 10.59
CA ARG B 122 14.77 0.37 11.79
C ARG B 122 13.93 1.58 11.41
N VAL B 123 12.71 1.59 11.98
CA VAL B 123 11.79 2.64 11.58
C VAL B 123 11.24 3.23 12.89
N ARG B 124 11.02 4.54 12.90
CA ARG B 124 10.48 5.21 14.08
C ARG B 124 9.32 6.07 13.66
N TYR B 125 8.21 5.93 14.40
CA TYR B 125 7.06 6.82 14.24
C TYR B 125 7.21 7.93 15.27
N ASP B 126 7.09 9.20 14.83
CA ASP B 126 7.40 10.36 15.66
C ASP B 126 6.14 11.11 16.04
N GLY B 127 4.98 10.47 15.86
CA GLY B 127 3.73 11.14 16.20
C GLY B 127 3.06 11.72 14.94
N THR B 128 3.80 11.83 13.84
CA THR B 128 3.34 12.43 12.60
C THR B 128 3.62 11.48 11.43
N LYS B 129 4.84 11.01 11.32
CA LYS B 129 5.24 10.21 10.19
C LYS B 129 6.22 9.12 10.63
N PHE B 130 6.56 8.20 9.69
CA PHE B 130 7.63 7.24 9.90
C PHE B 130 8.95 7.86 9.48
N ASN B 131 10.06 7.49 10.14
CA ASN B 131 11.42 7.90 9.85
C ASN B 131 12.24 6.64 9.67
N LEU B 132 12.92 6.53 8.51
CA LEU B 132 13.79 5.39 8.28
C LEU B 132 15.11 5.73 8.97
N VAL B 133 15.39 5.05 10.10
CA VAL B 133 16.45 5.45 11.02
C VAL B 133 17.74 4.84 10.51
N SER B 134 17.69 3.54 10.13
CA SER B 134 18.91 2.85 9.72
C SER B 134 18.56 1.55 9.00
N ASN B 135 19.58 1.06 8.30
CA ASN B 135 19.60 -0.26 7.68
C ASN B 135 20.62 -1.10 8.47
N ILE B 136 20.08 -1.90 9.39
CA ILE B 136 20.95 -2.69 10.24
C ILE B 136 21.62 -3.83 9.45
N ALA B 137 20.99 -4.22 8.33
CA ALA B 137 21.70 -5.19 7.49
C ALA B 137 22.98 -4.60 6.86
N GLU B 138 22.88 -3.40 6.29
CA GLU B 138 24.07 -2.75 5.76
C GLU B 138 25.14 -2.53 6.85
N LYS B 139 24.73 -2.05 8.02
CA LYS B 139 25.60 -1.72 9.13
C LYS B 139 26.31 -2.96 9.69
N THR B 140 25.62 -4.12 9.74
CA THR B 140 26.23 -5.27 10.41
C THR B 140 26.78 -6.27 9.40
N GLY B 141 26.30 -6.25 8.14
CA GLY B 141 26.68 -7.26 7.17
C GLY B 141 25.73 -8.48 7.11
N LEU B 142 24.72 -8.53 8.00
CA LEU B 142 23.87 -9.70 7.97
C LEU B 142 22.56 -9.36 7.26
N GLY B 143 22.33 -9.95 6.07
CA GLY B 143 21.06 -9.74 5.38
C GLY B 143 20.18 -10.96 5.64
N LEU B 144 19.18 -10.82 6.54
CA LEU B 144 18.33 -11.95 6.90
C LEU B 144 16.85 -11.60 6.65
N GLY B 145 16.11 -12.48 5.95
CA GLY B 145 14.80 -12.16 5.41
C GLY B 145 13.61 -12.85 6.02
N VAL B 146 13.78 -13.65 7.08
CA VAL B 146 12.56 -14.30 7.57
C VAL B 146 12.13 -13.68 8.91
N HIS B 147 11.88 -14.43 9.99
CA HIS B 147 11.10 -13.80 11.06
C HIS B 147 11.95 -12.84 11.90
N VAL B 148 11.30 -11.76 12.34
CA VAL B 148 11.97 -10.77 13.18
C VAL B 148 11.27 -10.90 14.54
N THR B 149 12.01 -10.97 15.68
CA THR B 149 11.28 -10.99 16.93
C THR B 149 11.98 -10.06 17.94
N ALA B 150 11.18 -9.42 18.78
CA ALA B 150 11.73 -8.52 19.82
C ALA B 150 12.09 -9.42 21.03
N THR B 151 13.18 -9.09 21.75
CA THR B 151 13.52 -9.81 22.98
C THR B 151 12.51 -9.39 24.07
N PRO B 152 12.31 -10.23 25.12
CA PRO B 152 11.31 -9.94 26.14
C PRO B 152 11.56 -8.63 26.90
N ASP B 153 12.82 -8.14 26.92
CA ASP B 153 13.08 -6.89 27.64
C ASP B 153 12.86 -5.69 26.72
N GLY B 154 12.56 -5.94 25.42
CA GLY B 154 12.31 -4.88 24.44
C GLY B 154 13.55 -4.08 24.05
N LYS B 155 14.76 -4.59 24.35
CA LYS B 155 16.04 -3.90 24.11
C LYS B 155 16.86 -4.55 22.99
N GLY B 156 16.40 -5.67 22.40
CA GLY B 156 17.17 -6.30 21.34
C GLY B 156 16.17 -6.99 20.39
N PHE B 157 16.65 -7.67 19.35
CA PHE B 157 15.69 -8.37 18.51
C PHE B 157 16.47 -9.45 17.76
N ALA B 158 15.74 -10.45 17.21
CA ALA B 158 16.41 -11.47 16.42
C ALA B 158 15.79 -11.52 15.03
N VAL B 159 16.61 -11.93 14.02
CA VAL B 159 16.17 -12.19 12.65
C VAL B 159 16.79 -13.52 12.24
N ALA B 160 15.96 -14.41 11.66
CA ALA B 160 16.42 -15.63 11.05
C ALA B 160 16.17 -15.53 9.56
N ASP B 161 16.86 -16.40 8.83
CA ASP B 161 16.64 -16.52 7.40
C ASP B 161 16.73 -17.99 7.03
N GLY B 162 15.75 -18.48 6.27
CA GLY B 162 15.66 -19.89 5.89
C GLY B 162 16.17 -20.24 4.50
N GLN B 163 16.82 -19.26 3.82
CA GLN B 163 17.54 -19.58 2.60
C GLN B 163 19.05 -19.66 2.94
N LYS B 164 19.50 -18.83 3.87
CA LYS B 164 20.90 -18.83 4.27
C LYS B 164 21.14 -19.75 5.48
N ASP B 165 20.07 -20.00 6.26
CA ASP B 165 20.07 -20.72 7.52
C ASP B 165 21.06 -20.04 8.49
N ILE B 166 20.85 -18.74 8.70
CA ILE B 166 21.59 -17.98 9.71
C ILE B 166 20.57 -17.29 10.57
N PHE B 167 20.91 -17.09 11.84
CA PHE B 167 20.14 -16.18 12.65
C PHE B 167 21.11 -15.34 13.49
N ALA B 168 20.58 -14.19 13.96
CA ALA B 168 21.36 -13.37 14.85
C ALA B 168 20.43 -12.71 15.86
N GLU B 169 21.00 -12.46 17.05
CA GLU B 169 20.36 -11.53 17.96
C GLU B 169 21.17 -10.21 17.94
N PHE B 170 20.45 -9.08 17.96
CA PHE B 170 20.99 -7.73 17.81
C PHE B 170 20.67 -6.93 19.07
N ASP B 171 21.59 -6.01 19.41
CA ASP B 171 21.33 -5.00 20.45
C ASP B 171 20.71 -3.80 19.74
N LEU B 172 19.52 -3.37 20.17
CA LEU B 172 18.86 -2.23 19.50
C LEU B 172 19.59 -0.90 19.70
N ALA B 173 19.94 -0.56 20.96
CA ALA B 173 20.68 0.68 21.21
C ALA B 173 21.93 0.85 20.34
N THR B 174 22.77 -0.17 20.17
CA THR B 174 24.03 0.04 19.47
C THR B 174 23.95 -0.51 18.04
N GLU B 175 22.80 -1.08 17.67
CA GLU B 175 22.65 -1.69 16.35
C GLU B 175 23.78 -2.64 16.05
N SER B 176 24.12 -3.49 17.02
CA SER B 176 25.27 -4.37 16.85
C SER B 176 24.81 -5.82 17.04
N VAL B 177 25.63 -6.77 16.55
CA VAL B 177 25.29 -8.17 16.57
C VAL B 177 25.74 -8.71 17.92
N ARG B 178 24.85 -9.35 18.69
CA ARG B 178 25.24 -9.97 19.93
C ARG B 178 25.78 -11.39 19.65
N THR B 179 25.14 -12.09 18.67
CA THR B 179 25.56 -13.40 18.23
C THR B 179 24.94 -13.66 16.86
N ALA B 180 25.63 -14.44 16.04
CA ALA B 180 25.08 -15.04 14.84
C ALA B 180 25.51 -16.49 14.70
N PHE B 181 24.64 -17.33 14.10
CA PHE B 181 24.93 -18.73 13.93
C PHE B 181 24.49 -19.18 12.53
N LEU B 182 25.31 -20.03 11.92
CA LEU B 182 24.92 -20.82 10.75
C LEU B 182 24.42 -22.22 11.20
N VAL B 183 23.42 -22.82 10.47
CA VAL B 183 22.97 -24.18 10.78
C VAL B 183 23.02 -24.93 9.46
N ASP B 184 23.62 -26.11 9.44
CA ASP B 184 23.79 -26.80 8.16
C ASP B 184 23.30 -28.22 8.27
N TRP B 185 22.83 -28.82 7.15
CA TRP B 185 22.38 -30.21 7.19
C TRP B 185 23.36 -31.02 6.35
N LYS B 186 23.85 -32.11 6.94
CA LYS B 186 24.55 -33.10 6.12
C LYS B 186 23.68 -34.34 5.97
N PRO B 187 23.08 -34.62 4.80
CA PRO B 187 22.04 -35.66 4.77
C PRO B 187 22.63 -37.08 4.89
N ASN B 188 21.89 -38.02 5.50
CA ASN B 188 22.37 -39.38 5.47
C ASN B 188 22.34 -39.92 4.06
N ASN B 189 21.28 -39.59 3.30
CA ASN B 189 21.12 -40.09 1.95
C ASN B 189 21.25 -38.87 1.05
N SER B 190 22.19 -38.90 0.10
CA SER B 190 22.44 -37.74 -0.74
C SER B 190 21.32 -37.53 -1.77
N ASP B 191 20.41 -38.50 -1.95
CA ASP B 191 19.31 -38.33 -2.91
C ASP B 191 18.37 -37.24 -2.37
N LEU B 192 18.01 -36.26 -3.20
CA LEU B 192 17.23 -35.11 -2.76
C LEU B 192 15.90 -35.53 -2.13
N LYS B 193 15.22 -36.54 -2.73
CA LYS B 193 13.94 -37.00 -2.19
C LYS B 193 14.08 -37.55 -0.78
N ARG B 194 15.28 -37.98 -0.41
CA ARG B 194 15.45 -38.80 0.79
C ARG B 194 16.36 -38.03 1.78
N ALA B 195 16.78 -36.84 1.38
CA ALA B 195 17.77 -36.05 2.13
C ALA B 195 17.36 -35.71 3.57
N TRP B 196 16.04 -35.58 3.86
CA TRP B 196 15.64 -35.32 5.26
C TRP B 196 14.99 -36.56 5.89
N LEU B 197 14.12 -37.25 5.14
CA LEU B 197 13.47 -38.45 5.68
C LEU B 197 14.46 -39.44 6.29
N GLU B 198 15.63 -39.63 5.65
CA GLU B 198 16.53 -40.66 6.17
C GLU B 198 17.53 -40.04 7.14
N GLY B 199 17.22 -38.83 7.61
CA GLY B 199 18.00 -38.22 8.68
C GLY B 199 19.33 -37.64 8.20
N GLY B 200 20.13 -37.23 9.18
CA GLY B 200 21.36 -36.54 8.86
C GLY B 200 21.89 -35.91 10.14
N THR B 201 22.90 -35.08 9.93
CA THR B 201 23.56 -34.41 11.03
C THR B 201 23.27 -32.93 10.85
N MET B 202 22.82 -32.28 11.92
CA MET B 202 22.66 -30.84 11.86
C MET B 202 23.86 -30.20 12.60
N THR B 203 24.62 -29.29 11.94
CA THR B 203 25.81 -28.63 12.49
C THR B 203 25.44 -27.16 12.75
N ILE B 204 25.69 -26.72 13.98
CA ILE B 204 25.47 -25.36 14.38
C ILE B 204 26.85 -24.72 14.63
N THR B 205 27.13 -23.60 13.96
CA THR B 205 28.44 -22.94 14.06
C THR B 205 28.20 -21.51 14.55
N ARG B 206 28.87 -21.09 15.61
CA ARG B 206 28.74 -19.68 16.00
C ARG B 206 29.64 -18.88 15.07
N LEU B 207 29.12 -17.88 14.34
CA LEU B 207 29.91 -17.22 13.29
C LEU B 207 30.77 -16.10 13.89
N LYS B 208 31.83 -15.73 13.17
CA LYS B 208 32.63 -14.58 13.56
C LYS B 208 32.71 -13.66 12.33
N PRO B 209 32.71 -12.33 12.52
CA PRO B 209 32.73 -11.43 11.36
C PRO B 209 34.02 -11.62 10.58
N THR B 210 33.96 -11.46 9.26
CA THR B 210 35.14 -11.71 8.48
C THR B 210 35.65 -10.40 7.85
N LEU B 211 34.95 -9.27 8.00
CA LEU B 211 35.31 -8.07 7.25
C LEU B 211 35.75 -6.95 8.22
N PRO B 212 36.44 -5.88 7.74
CA PRO B 212 36.84 -4.75 8.60
C PRO B 212 35.68 -4.16 9.40
N GLY B 213 35.98 -3.74 10.61
CA GLY B 213 35.01 -3.09 11.46
C GLY B 213 34.02 -4.10 12.05
N GLY B 214 34.40 -5.38 12.10
CA GLY B 214 33.53 -6.35 12.79
C GLY B 214 32.28 -6.69 11.94
N LYS B 215 32.37 -6.60 10.59
CA LYS B 215 31.18 -6.77 9.78
C LYS B 215 31.13 -8.18 9.21
N TYR B 216 29.90 -8.73 9.14
CA TYR B 216 29.73 -10.02 8.48
C TYR B 216 29.63 -9.84 6.96
N ASP B 217 29.78 -10.94 6.19
CA ASP B 217 29.79 -10.89 4.72
C ASP B 217 28.54 -11.61 4.15
N TYR B 218 27.37 -11.16 4.58
CA TYR B 218 26.17 -11.84 4.13
C TYR B 218 25.15 -10.79 3.72
N THR B 219 25.61 -9.71 3.07
CA THR B 219 24.59 -8.79 2.56
C THR B 219 23.94 -9.30 1.27
N GLY B 220 22.67 -8.90 1.04
CA GLY B 220 22.06 -9.23 -0.24
C GLY B 220 21.98 -10.73 -0.41
N THR B 221 22.17 -11.24 -1.62
CA THR B 221 21.80 -12.65 -1.75
C THR B 221 22.86 -13.63 -1.18
N LYS B 222 24.01 -13.07 -0.78
CA LYS B 222 25.19 -13.82 -0.34
C LYS B 222 24.86 -14.75 0.83
N GLY B 223 25.22 -16.04 0.62
CA GLY B 223 25.00 -17.09 1.66
C GLY B 223 23.81 -18.00 1.37
N CYS B 224 23.05 -17.71 0.31
CA CYS B 224 21.86 -18.50 0.01
C CYS B 224 22.19 -19.94 -0.40
N LYS B 225 21.52 -20.93 0.23
CA LYS B 225 21.54 -22.32 -0.16
C LYS B 225 20.46 -22.64 -1.19
N ILE B 226 19.37 -21.85 -1.18
CA ILE B 226 18.25 -22.00 -2.11
C ILE B 226 17.81 -20.60 -2.51
N ASP B 227 17.20 -20.51 -3.70
CA ASP B 227 16.94 -19.23 -4.32
C ASP B 227 15.65 -18.54 -3.80
N TRP B 228 14.80 -19.18 -3.00
CA TRP B 228 13.67 -18.50 -2.35
C TRP B 228 13.36 -19.21 -1.08
N GLU B 229 12.60 -18.54 -0.17
CA GLU B 229 12.10 -19.17 1.05
C GLU B 229 11.13 -20.28 0.66
N LEU B 230 11.14 -21.40 1.37
CA LEU B 230 10.15 -22.41 1.12
C LEU B 230 8.76 -21.87 1.49
N VAL B 231 7.73 -22.23 0.67
CA VAL B 231 6.33 -21.84 0.92
C VAL B 231 5.73 -22.86 1.90
N PRO B 232 4.42 -22.78 2.31
CA PRO B 232 3.84 -23.83 3.15
C PRO B 232 3.73 -25.13 2.36
N GLY B 233 4.05 -26.24 3.02
CA GLY B 233 4.23 -27.52 2.34
C GLY B 233 5.41 -27.59 1.36
N GLY B 234 6.36 -26.60 1.39
CA GLY B 234 7.40 -26.35 0.37
C GLY B 234 8.46 -27.46 0.46
N GLU B 235 8.45 -28.07 1.66
CA GLU B 235 9.48 -29.08 1.90
C GLU B 235 9.31 -30.14 0.81
N LEU B 236 8.04 -30.45 0.44
CA LEU B 236 7.87 -31.50 -0.56
C LEU B 236 8.43 -31.02 -1.90
N PHE B 237 8.31 -29.69 -2.10
CA PHE B 237 8.71 -29.09 -3.39
C PHE B 237 10.24 -29.14 -3.51
N LEU B 238 10.93 -28.75 -2.42
CA LEU B 238 12.36 -28.92 -2.29
C LEU B 238 12.76 -30.37 -2.58
N GLU B 239 12.14 -31.36 -1.89
CA GLU B 239 12.48 -32.77 -2.03
C GLU B 239 12.21 -33.21 -3.48
N GLU B 240 11.18 -32.60 -4.11
CA GLU B 240 10.79 -33.05 -5.44
C GLU B 240 11.56 -32.23 -6.50
N GLY B 241 12.54 -31.40 -6.09
CA GLY B 241 13.46 -30.79 -7.03
C GLY B 241 12.86 -29.57 -7.72
N LYS B 242 11.90 -28.90 -7.08
CA LYS B 242 11.24 -27.77 -7.71
C LYS B 242 11.81 -26.45 -7.17
N VAL B 243 12.89 -26.50 -6.39
CA VAL B 243 13.46 -25.27 -5.86
C VAL B 243 14.95 -25.16 -6.24
N THR B 244 15.36 -24.07 -6.91
CA THR B 244 16.73 -23.97 -7.41
C THR B 244 17.66 -23.47 -6.32
N GLY B 245 18.94 -23.81 -6.42
CA GLY B 245 19.86 -23.40 -5.35
C GLY B 245 21.14 -24.22 -5.40
N THR B 246 22.23 -23.69 -4.88
CA THR B 246 23.52 -24.34 -4.94
C THR B 246 23.69 -25.33 -3.79
N ARG B 247 22.84 -25.31 -2.75
CA ARG B 247 23.07 -26.27 -1.67
C ARG B 247 21.79 -26.93 -1.16
N GLN B 248 20.97 -27.46 -2.08
CA GLN B 248 19.60 -27.79 -1.81
C GLN B 248 19.51 -28.88 -0.74
N THR B 249 20.50 -29.80 -0.70
CA THR B 249 20.38 -30.83 0.36
C THR B 249 21.09 -30.46 1.68
N ASN B 250 21.57 -29.22 1.78
CA ASN B 250 22.19 -28.78 3.03
C ASN B 250 21.33 -27.78 3.80
N VAL B 251 20.11 -27.50 3.27
CA VAL B 251 19.12 -26.57 3.84
C VAL B 251 18.44 -27.15 5.09
N VAL B 252 18.25 -26.32 6.16
CA VAL B 252 17.31 -26.72 7.21
C VAL B 252 16.13 -25.76 7.27
N ALA B 253 16.20 -24.62 6.57
CA ALA B 253 15.07 -23.70 6.51
C ALA B 253 14.73 -23.12 7.89
N LEU B 254 15.74 -22.53 8.55
CA LEU B 254 15.51 -21.72 9.74
C LEU B 254 14.32 -20.79 9.52
N ASP B 255 13.50 -20.66 10.58
CA ASP B 255 12.33 -19.83 10.44
C ASP B 255 12.39 -18.63 11.41
N ALA B 256 12.47 -18.90 12.71
CA ALA B 256 12.37 -17.84 13.72
C ALA B 256 13.19 -18.18 14.96
N PHE B 257 13.55 -17.15 15.76
CA PHE B 257 14.10 -17.35 17.08
C PHE B 257 13.12 -16.71 18.04
N VAL B 258 12.26 -17.55 18.64
CA VAL B 258 11.22 -17.02 19.51
C VAL B 258 11.67 -17.15 20.97
N TYR B 259 11.12 -16.31 21.84
CA TYR B 259 11.78 -16.09 23.12
C TYR B 259 10.91 -16.60 24.25
N ASP B 260 11.57 -17.25 25.19
CA ASP B 260 10.99 -17.61 26.47
C ASP B 260 10.71 -16.30 27.20
N PRO B 261 9.43 -16.02 27.55
CA PRO B 261 9.07 -14.75 28.21
C PRO B 261 9.73 -14.57 29.56
N ARG B 262 10.20 -15.68 30.17
CA ARG B 262 10.82 -15.59 31.48
C ARG B 262 12.28 -15.20 31.32
N GLY B 263 12.75 -15.05 30.06
CA GLY B 263 14.17 -14.74 29.89
C GLY B 263 15.01 -15.99 29.64
N ARG B 264 16.30 -15.79 29.29
CA ARG B 264 17.38 -16.77 29.28
C ARG B 264 17.48 -17.59 27.98
N TRP B 265 16.32 -18.11 27.54
CA TRP B 265 16.24 -19.10 26.45
C TRP B 265 15.57 -18.49 25.22
N GLY B 266 16.02 -18.97 24.07
CA GLY B 266 15.30 -18.74 22.84
C GLY B 266 15.25 -20.05 22.07
N ALA B 267 14.20 -20.18 21.26
CA ALA B 267 14.02 -21.43 20.51
C ALA B 267 14.17 -21.06 19.04
N LEU B 268 15.06 -21.76 18.31
CA LEU B 268 15.32 -21.51 16.89
C LEU B 268 14.60 -22.62 16.10
N SER B 269 13.56 -22.24 15.37
CA SER B 269 12.86 -23.23 14.55
C SER B 269 13.61 -23.58 13.28
N ALA B 270 13.69 -24.88 12.99
CA ALA B 270 14.36 -25.36 11.78
C ALA B 270 13.29 -26.16 11.03
N ARG B 271 12.73 -25.60 9.94
CA ARG B 271 11.53 -26.19 9.33
C ARG B 271 11.73 -27.63 8.84
N LEU B 272 12.83 -27.91 8.14
CA LEU B 272 12.93 -29.12 7.36
C LEU B 272 13.19 -30.31 8.29
N PRO B 273 14.06 -30.22 9.30
CA PRO B 273 14.28 -31.34 10.25
C PRO B 273 13.20 -31.40 11.31
N GLY B 274 12.35 -30.37 11.38
CA GLY B 274 11.27 -30.33 12.35
C GLY B 274 11.80 -30.31 13.79
N VAL B 275 12.78 -29.42 14.03
CA VAL B 275 13.40 -29.33 15.32
C VAL B 275 13.40 -27.87 15.77
N ALA B 276 13.21 -27.68 17.08
CA ALA B 276 13.42 -26.38 17.70
C ALA B 276 14.66 -26.44 18.59
N ILE B 277 15.71 -25.75 18.18
CA ILE B 277 16.96 -25.79 18.93
C ILE B 277 16.90 -24.70 19.99
N ILE B 278 17.00 -25.11 21.27
CA ILE B 278 16.95 -24.12 22.33
C ILE B 278 18.40 -23.62 22.57
N PHE B 279 18.53 -22.29 22.62
CA PHE B 279 19.77 -21.57 22.89
C PHE B 279 19.72 -20.90 24.25
N ASP B 280 20.86 -21.03 24.96
CA ASP B 280 21.12 -20.17 26.10
C ASP B 280 21.65 -18.83 25.60
N ARG B 281 20.91 -17.75 25.83
CA ARG B 281 21.22 -16.39 25.37
C ARG B 281 22.30 -15.71 26.26
N GLN B 282 22.68 -16.33 27.40
CA GLN B 282 23.71 -15.79 28.28
C GLN B 282 25.08 -16.27 27.84
N ASP B 283 25.30 -17.58 27.63
CA ASP B 283 26.60 -17.93 27.04
C ASP B 283 26.57 -18.30 25.55
N TRP B 284 25.44 -18.04 24.88
CA TRP B 284 25.30 -18.27 23.46
C TRP B 284 25.81 -19.65 23.06
N GLU B 285 25.23 -20.70 23.69
CA GLU B 285 25.38 -22.01 23.08
C GLU B 285 24.01 -22.68 22.96
N PRO B 286 23.83 -23.57 21.96
CA PRO B 286 22.64 -24.43 21.89
C PRO B 286 22.65 -25.43 23.05
N VAL B 287 21.51 -25.67 23.72
CA VAL B 287 21.52 -26.61 24.84
C VAL B 287 20.73 -27.89 24.60
N VAL B 288 19.67 -27.83 23.80
CA VAL B 288 18.91 -29.05 23.54
C VAL B 288 18.13 -28.84 22.24
N ALA B 289 17.74 -29.93 21.55
CA ALA B 289 16.90 -29.87 20.35
C ALA B 289 15.54 -30.51 20.59
N LEU B 290 14.45 -29.73 20.58
CA LEU B 290 13.14 -30.36 20.69
C LEU B 290 12.75 -30.94 19.32
N VAL B 291 12.18 -32.15 19.31
CA VAL B 291 11.79 -32.77 18.05
C VAL B 291 10.26 -32.74 17.93
N GLY B 292 9.77 -32.10 16.88
CA GLY B 292 8.34 -31.83 16.80
C GLY B 292 7.52 -33.11 16.68
N ALA B 293 7.96 -34.08 15.86
CA ALA B 293 7.03 -35.09 15.35
C ALA B 293 6.38 -35.89 16.48
N LYS B 294 5.07 -36.11 16.36
CA LYS B 294 4.40 -37.05 17.28
C LYS B 294 4.97 -38.49 17.19
N GLY B 295 5.13 -39.17 18.32
CA GLY B 295 5.76 -40.48 18.38
C GLY B 295 7.28 -40.41 18.44
N GLU B 296 7.90 -39.24 18.20
CA GLU B 296 9.33 -39.14 18.34
C GLU B 296 9.66 -38.63 19.73
N PRO B 297 10.94 -38.79 20.20
CA PRO B 297 11.34 -38.37 21.54
C PRO B 297 11.02 -36.87 21.77
N SER B 298 10.83 -36.48 23.04
CA SER B 298 10.74 -35.04 23.34
C SER B 298 11.88 -34.21 22.71
N SER B 299 13.12 -34.71 22.82
CA SER B 299 14.31 -33.91 22.52
C SER B 299 15.45 -34.79 22.09
N LEU B 300 16.46 -34.17 21.46
CA LEU B 300 17.73 -34.78 21.15
C LEU B 300 18.83 -33.93 21.77
N PRO B 301 19.92 -34.57 22.24
CA PRO B 301 21.03 -33.84 22.82
C PRO B 301 21.81 -33.07 21.77
N VAL B 302 22.45 -32.01 22.24
CA VAL B 302 23.33 -31.23 21.40
C VAL B 302 24.76 -31.55 21.81
N LYS B 303 25.66 -31.88 20.86
CA LYS B 303 27.01 -32.32 21.25
C LYS B 303 28.01 -31.26 20.79
N LYS B 304 28.81 -30.64 21.70
CA LYS B 304 29.86 -29.74 21.29
C LYS B 304 31.03 -30.49 20.63
N VAL B 305 31.45 -30.14 19.42
CA VAL B 305 32.52 -30.90 18.76
C VAL B 305 33.75 -30.04 18.43
N ALA B 306 33.70 -28.72 18.69
CA ALA B 306 34.78 -27.75 18.51
C ALA B 306 34.36 -26.50 19.25
N SER B 307 35.23 -25.49 19.35
CA SER B 307 34.93 -24.41 20.29
C SER B 307 33.72 -23.56 19.89
N ASP B 308 33.33 -23.66 18.60
CA ASP B 308 32.25 -22.83 18.09
C ASP B 308 31.27 -23.72 17.32
N THR B 309 31.30 -25.05 17.56
CA THR B 309 30.56 -25.97 16.71
C THR B 309 29.85 -27.03 17.53
N TRP B 310 28.54 -27.27 17.24
CA TRP B 310 27.80 -28.30 17.93
C TRP B 310 27.07 -29.12 16.87
N GLU B 311 26.70 -30.36 17.23
CA GLU B 311 25.97 -31.26 16.32
C GLU B 311 24.74 -31.82 16.98
N ILE B 312 23.74 -32.15 16.11
CA ILE B 312 22.57 -32.96 16.48
C ILE B 312 22.45 -34.07 15.43
N LYS B 313 22.34 -35.32 15.88
CA LYS B 313 22.24 -36.46 14.97
C LYS B 313 20.79 -36.91 14.91
N MET B 314 20.23 -37.04 13.70
CA MET B 314 18.87 -37.54 13.57
C MET B 314 18.89 -38.78 12.68
N ASP B 315 18.39 -39.93 13.19
CA ASP B 315 18.26 -41.10 12.32
C ASP B 315 17.19 -40.93 11.25
N LYS B 316 16.15 -40.11 11.52
CA LYS B 316 15.16 -39.88 10.48
C LYS B 316 14.46 -38.54 10.73
N VAL B 317 13.73 -38.01 9.74
CA VAL B 317 12.92 -36.84 10.02
C VAL B 317 11.52 -37.24 9.62
N VAL B 318 10.64 -37.35 10.61
CA VAL B 318 9.32 -37.91 10.38
C VAL B 318 8.49 -36.87 9.66
N THR B 319 8.61 -35.61 10.08
CA THR B 319 7.82 -34.57 9.41
C THR B 319 8.47 -33.22 9.60
N PRO B 320 8.25 -32.29 8.68
CA PRO B 320 8.61 -30.90 8.91
C PRO B 320 7.68 -30.27 9.94
N ALA B 321 8.14 -29.12 10.46
CA ALA B 321 7.32 -28.26 11.32
C ALA B 321 7.60 -26.80 11.03
N HIS B 322 6.78 -25.88 11.58
CA HIS B 322 6.99 -24.49 11.21
C HIS B 322 6.67 -23.57 12.42
N GLN B 323 5.38 -23.24 12.68
CA GLN B 323 5.11 -22.23 13.73
C GLN B 323 5.59 -22.70 15.09
N ALA B 324 6.17 -21.78 15.90
CA ALA B 324 6.82 -22.15 17.14
C ALA B 324 6.69 -20.99 18.14
N GLY B 325 6.33 -21.34 19.37
CA GLY B 325 6.16 -20.26 20.36
C GLY B 325 5.88 -20.71 21.80
N PHE B 326 6.05 -19.76 22.73
CA PHE B 326 5.81 -20.00 24.17
C PHE B 326 4.48 -19.35 24.54
N SER B 327 3.77 -19.93 25.54
CA SER B 327 2.61 -19.32 26.12
C SER B 327 3.11 -18.12 26.90
N PRO B 328 2.26 -17.14 27.25
CA PRO B 328 2.76 -15.96 27.94
C PRO B 328 3.48 -16.20 29.27
N ASP B 329 3.08 -17.27 29.98
CA ASP B 329 3.73 -17.58 31.24
C ASP B 329 5.04 -18.33 31.00
N GLY B 330 5.39 -18.68 29.74
CA GLY B 330 6.59 -19.45 29.49
C GLY B 330 6.55 -20.95 29.85
N LYS B 331 5.39 -21.46 30.32
CA LYS B 331 5.40 -22.83 30.82
C LYS B 331 4.97 -23.87 29.76
N ASN B 332 4.58 -23.41 28.58
CA ASN B 332 4.28 -24.33 27.50
C ASN B 332 5.05 -23.87 26.27
N PHE B 333 5.53 -24.81 25.44
CA PHE B 333 6.12 -24.42 24.17
C PHE B 333 5.37 -25.22 23.09
N LEU B 334 4.95 -24.53 22.01
CA LEU B 334 4.24 -25.16 20.89
C LEU B 334 5.10 -25.23 19.63
N PHE B 335 4.89 -26.28 18.80
CA PHE B 335 5.59 -26.43 17.54
C PHE B 335 4.60 -27.17 16.62
N MET B 336 4.24 -26.53 15.50
CA MET B 336 3.18 -27.05 14.65
C MET B 336 3.84 -27.93 13.58
N ASN B 337 3.69 -29.25 13.78
CA ASN B 337 4.07 -30.21 12.73
C ASN B 337 3.16 -30.05 11.52
N GLY B 338 3.73 -30.11 10.32
CA GLY B 338 3.03 -29.88 9.05
C GLY B 338 3.53 -30.89 8.01
N VAL B 339 2.68 -31.11 6.99
CA VAL B 339 3.02 -31.91 5.82
C VAL B 339 2.91 -33.41 6.02
N ARG B 340 3.74 -33.98 6.86
CA ARG B 340 3.69 -35.40 6.91
C ARG B 340 2.85 -35.73 8.14
N GLN B 341 2.96 -34.91 9.17
CA GLN B 341 1.96 -34.98 10.24
C GLN B 341 1.39 -33.59 10.39
N ASN B 342 0.23 -33.51 11.04
CA ASN B 342 -0.37 -32.19 11.00
C ASN B 342 -1.05 -31.91 12.33
N ASN B 343 -0.38 -31.14 13.21
CA ASN B 343 -0.91 -31.09 14.57
C ASN B 343 -0.10 -30.06 15.36
N ILE B 344 -0.55 -29.79 16.57
CA ILE B 344 0.11 -28.85 17.48
C ILE B 344 0.75 -29.68 18.59
N MET B 345 2.11 -29.70 18.66
CA MET B 345 2.89 -30.43 19.66
C MET B 345 3.19 -29.43 20.79
N VAL B 346 2.98 -29.88 22.02
CA VAL B 346 3.08 -29.06 23.22
C VAL B 346 4.07 -29.73 24.18
N TRP B 347 5.03 -28.91 24.71
CA TRP B 347 6.00 -29.29 25.72
C TRP B 347 5.71 -28.48 27.00
N ASP B 348 5.91 -29.21 28.11
CA ASP B 348 5.96 -28.64 29.43
C ASP B 348 7.32 -28.03 29.61
N THR B 349 7.37 -26.71 29.45
CA THR B 349 8.60 -25.98 29.70
C THR B 349 8.58 -25.33 31.08
N SER B 350 7.79 -25.85 32.07
CA SER B 350 7.67 -25.11 33.33
C SER B 350 9.03 -25.09 34.09
N ASN B 351 9.96 -25.99 33.78
CA ASN B 351 11.23 -25.96 34.48
C ASN B 351 12.15 -24.96 33.76
N HIS B 352 12.13 -23.70 34.22
CA HIS B 352 12.90 -22.61 33.62
C HIS B 352 14.40 -22.82 33.78
N ALA B 353 14.83 -23.59 34.79
CA ALA B 353 16.23 -23.80 35.09
C ALA B 353 16.91 -24.66 34.03
N ASP B 354 16.20 -25.59 33.40
CA ASP B 354 16.92 -26.62 32.67
C ASP B 354 16.07 -27.12 31.49
N PRO B 355 16.28 -26.56 30.26
CA PRO B 355 15.50 -26.97 29.08
C PRO B 355 15.77 -28.43 28.66
N THR B 356 16.82 -29.11 29.16
CA THR B 356 16.91 -30.53 28.78
C THR B 356 15.85 -31.37 29.48
N LYS B 357 15.10 -30.78 30.39
CA LYS B 357 14.01 -31.52 31.04
C LYS B 357 12.68 -31.12 30.42
N TRP B 358 12.69 -30.28 29.38
CA TRP B 358 11.39 -29.99 28.79
C TRP B 358 10.87 -31.23 28.08
N THR B 359 9.60 -31.60 28.31
CA THR B 359 9.08 -32.83 27.70
C THR B 359 7.69 -32.63 27.08
N LYS B 360 7.37 -33.46 26.07
CA LYS B 360 6.09 -33.39 25.40
C LYS B 360 4.99 -33.69 26.40
N LYS B 361 3.91 -32.91 26.39
CA LYS B 361 2.82 -33.10 27.34
C LYS B 361 1.45 -33.23 26.66
N ALA B 362 1.28 -32.78 25.41
CA ALA B 362 -0.03 -32.84 24.77
C ALA B 362 0.17 -32.67 23.26
N VAL B 363 -0.81 -33.13 22.47
CA VAL B 363 -0.81 -32.86 21.03
C VAL B 363 -2.22 -32.52 20.57
N VAL B 364 -2.37 -31.44 19.83
CA VAL B 364 -3.71 -31.08 19.37
C VAL B 364 -3.87 -31.67 17.96
N GLU B 365 -4.96 -32.40 17.77
CA GLU B 365 -5.14 -33.06 16.48
C GLU B 365 -6.59 -32.82 16.06
N ASP B 366 -6.92 -33.11 14.80
CA ASP B 366 -8.32 -33.02 14.39
C ASP B 366 -8.48 -33.90 13.17
N PRO B 367 -9.67 -34.54 13.01
CA PRO B 367 -9.88 -35.37 11.83
C PRO B 367 -9.73 -34.57 10.52
N GLY B 368 -10.08 -33.28 10.60
CA GLY B 368 -9.96 -32.39 9.44
C GLY B 368 -8.53 -31.86 9.14
N TRP B 369 -7.52 -32.22 9.97
CA TRP B 369 -6.13 -31.76 9.85
C TRP B 369 -5.19 -32.91 9.45
N ARG B 370 -4.75 -32.95 8.19
CA ARG B 370 -3.88 -34.03 7.69
C ARG B 370 -2.87 -33.48 6.68
N GLY B 371 -1.69 -34.10 6.60
CA GLY B 371 -0.68 -33.63 5.63
C GLY B 371 -0.44 -32.12 5.74
N SER B 372 -0.46 -31.42 4.59
CA SER B 372 0.19 -30.13 4.48
C SER B 372 -0.78 -29.01 4.82
N TYR B 373 -2.07 -29.29 4.51
CA TYR B 373 -3.12 -28.29 4.61
C TYR B 373 -4.35 -28.79 5.35
N PRO B 374 -4.85 -28.01 6.31
CA PRO B 374 -4.28 -26.69 6.63
C PRO B 374 -2.89 -26.68 7.28
N ASN B 375 -2.13 -25.60 7.02
CA ASN B 375 -0.85 -25.36 7.68
C ASN B 375 -1.09 -24.32 8.78
N THR B 376 -0.71 -24.70 10.01
CA THR B 376 -1.04 -23.95 11.21
C THR B 376 -0.06 -22.80 11.50
N PHE B 377 0.22 -21.86 10.57
CA PHE B 377 1.63 -21.41 10.65
C PHE B 377 1.86 -20.07 11.37
N HIS B 378 0.78 -19.50 11.96
CA HIS B 378 0.99 -18.41 12.94
C HIS B 378 0.05 -18.58 14.15
N MET B 379 0.34 -17.91 15.30
CA MET B 379 -0.53 -18.06 16.45
C MET B 379 -0.51 -16.76 17.29
N VAL B 380 -1.47 -16.63 18.23
CA VAL B 380 -1.34 -15.66 19.35
C VAL B 380 -2.12 -16.20 20.54
N PHE B 381 -1.55 -16.06 21.73
CA PHE B 381 -2.25 -16.46 22.96
C PHE B 381 -3.02 -15.28 23.54
N THR B 382 -4.12 -15.59 24.28
CA THR B 382 -4.68 -14.63 25.18
C THR B 382 -3.67 -14.31 26.27
N PRO B 383 -3.64 -13.05 26.75
CA PRO B 383 -2.74 -12.65 27.84
C PRO B 383 -2.87 -13.54 29.10
N ASP B 384 -4.08 -14.06 29.39
CA ASP B 384 -4.24 -14.94 30.55
C ASP B 384 -3.85 -16.37 30.23
N GLY B 385 -3.42 -16.65 28.98
CA GLY B 385 -3.01 -17.98 28.55
C GLY B 385 -4.12 -19.05 28.45
N ARG B 386 -5.39 -18.67 28.60
CA ARG B 386 -6.51 -19.59 28.49
C ARG B 386 -6.67 -20.14 27.07
N LYS B 387 -6.48 -19.30 26.02
CA LYS B 387 -6.73 -19.83 24.69
C LYS B 387 -5.60 -19.42 23.74
N VAL B 388 -5.40 -20.21 22.70
CA VAL B 388 -4.46 -19.79 21.65
C VAL B 388 -5.21 -19.82 20.32
N TYR B 389 -5.04 -18.73 19.53
CA TYR B 389 -5.62 -18.60 18.22
C TYR B 389 -4.57 -18.98 17.18
N VAL B 390 -4.96 -19.79 16.21
CA VAL B 390 -3.97 -20.34 15.30
C VAL B 390 -4.52 -20.20 13.87
N THR B 391 -3.66 -19.73 12.95
CA THR B 391 -4.04 -19.56 11.56
C THR B 391 -4.22 -20.90 10.87
N LEU B 392 -5.23 -20.97 10.03
CA LEU B 392 -5.38 -22.20 9.24
C LEU B 392 -5.14 -21.82 7.79
N TRP B 393 -3.96 -22.13 7.23
CA TRP B 393 -3.62 -21.67 5.89
C TRP B 393 -3.86 -22.80 4.86
N TRP B 394 -4.40 -22.46 3.67
CA TRP B 394 -4.48 -23.36 2.52
C TRP B 394 -4.08 -22.62 1.25
N PRO B 395 -3.62 -23.34 0.21
CA PRO B 395 -3.55 -22.78 -1.14
C PRO B 395 -4.95 -22.42 -1.64
N SER B 396 -5.03 -21.57 -2.65
CA SER B 396 -6.28 -21.25 -3.33
C SER B 396 -6.89 -22.54 -3.88
N PRO B 397 -8.21 -22.75 -3.91
CA PRO B 397 -9.16 -21.76 -3.39
C PRO B 397 -9.83 -22.08 -2.06
N THR B 398 -9.26 -23.02 -1.26
CA THR B 398 -9.95 -23.31 -0.01
C THR B 398 -9.96 -22.07 0.89
N PRO B 399 -11.11 -21.67 1.49
CA PRO B 399 -11.08 -20.58 2.49
C PRO B 399 -10.11 -20.83 3.65
N ASN B 400 -9.28 -19.86 3.97
CA ASN B 400 -8.35 -19.93 5.10
C ASN B 400 -9.08 -19.32 6.34
N GLY B 401 -8.64 -19.67 7.55
CA GLY B 401 -9.39 -19.25 8.72
C GLY B 401 -8.52 -19.18 9.98
N ILE B 402 -9.23 -19.23 11.11
CA ILE B 402 -8.65 -19.13 12.44
C ILE B 402 -9.23 -20.27 13.24
N ALA B 403 -8.31 -21.00 13.87
CA ALA B 403 -8.73 -22.07 14.80
C ALA B 403 -8.63 -21.49 16.20
N VAL B 404 -9.52 -21.91 17.12
CA VAL B 404 -9.49 -21.37 18.47
C VAL B 404 -9.20 -22.59 19.35
N VAL B 405 -8.08 -22.57 20.05
CA VAL B 405 -7.66 -23.75 20.79
C VAL B 405 -7.72 -23.45 22.29
N ASP B 406 -8.22 -24.43 23.07
CA ASP B 406 -8.20 -24.30 24.50
C ASP B 406 -6.78 -24.61 24.94
N ALA B 407 -6.15 -23.70 25.65
CA ALA B 407 -4.74 -23.84 25.95
C ALA B 407 -4.49 -24.23 27.41
N ARG B 408 -5.50 -24.80 28.04
CA ARG B 408 -5.30 -25.47 29.34
C ARG B 408 -5.43 -26.97 29.07
N ASN B 409 -6.48 -27.32 28.32
CA ASN B 409 -6.80 -28.70 28.04
C ASN B 409 -6.21 -29.16 26.72
N TRP B 410 -5.73 -28.23 25.86
CA TRP B 410 -5.09 -28.62 24.61
C TRP B 410 -6.08 -29.33 23.71
N LYS B 411 -7.22 -28.65 23.41
CA LYS B 411 -8.25 -29.22 22.55
C LYS B 411 -8.69 -28.13 21.56
N LEU B 412 -9.06 -28.51 20.31
CA LEU B 412 -9.56 -27.54 19.32
C LEU B 412 -10.97 -27.16 19.73
N LEU B 413 -11.31 -25.84 19.79
CA LEU B 413 -12.64 -25.42 20.22
C LEU B 413 -13.51 -25.13 19.00
N LYS B 414 -12.92 -24.54 17.95
CA LYS B 414 -13.75 -23.90 16.94
C LYS B 414 -12.81 -23.55 15.78
N SER B 415 -13.36 -23.44 14.57
CA SER B 415 -12.67 -22.97 13.37
C SER B 415 -13.61 -22.03 12.66
N VAL B 416 -13.04 -20.93 12.16
CA VAL B 416 -13.85 -19.92 11.49
C VAL B 416 -13.15 -19.60 10.16
N ASP B 417 -13.93 -19.53 9.08
CA ASP B 417 -13.41 -19.15 7.77
C ASP B 417 -13.34 -17.63 7.68
N ILE B 418 -12.27 -17.09 7.04
CA ILE B 418 -12.04 -15.66 6.96
C ILE B 418 -11.94 -15.24 5.49
N GLY B 419 -11.00 -15.83 4.74
CA GLY B 419 -10.64 -15.25 3.45
C GLY B 419 -9.41 -15.94 2.88
N PRO B 420 -8.93 -15.58 1.67
CA PRO B 420 -7.81 -16.32 1.06
C PRO B 420 -6.49 -15.91 1.69
N ASP B 421 -5.59 -16.90 1.93
CA ASP B 421 -4.21 -16.69 2.27
C ASP B 421 -4.16 -15.94 3.60
N MET B 422 -4.56 -16.60 4.70
CA MET B 422 -4.53 -15.99 6.03
C MET B 422 -3.11 -16.01 6.58
N HIS B 423 -2.67 -14.88 7.21
CA HIS B 423 -1.32 -14.89 7.76
C HIS B 423 -1.44 -14.69 9.27
N THR B 424 -0.86 -13.60 9.79
CA THR B 424 -0.54 -13.54 11.21
C THR B 424 -1.73 -13.05 12.06
N LEU B 425 -1.67 -13.31 13.39
CA LEU B 425 -2.65 -12.91 14.37
C LEU B 425 -1.94 -12.08 15.44
N ALA B 426 -2.56 -10.97 15.82
CA ALA B 426 -2.11 -10.18 16.97
C ALA B 426 -3.31 -10.10 17.93
N ILE B 427 -3.11 -9.62 19.17
CA ILE B 427 -4.19 -9.47 20.10
C ILE B 427 -4.05 -8.14 20.83
N THR B 428 -5.20 -7.48 21.02
CA THR B 428 -5.13 -6.23 21.77
C THR B 428 -4.67 -6.62 23.18
N TYR B 429 -3.95 -5.74 23.90
CA TYR B 429 -3.25 -6.21 25.09
C TYR B 429 -4.19 -6.46 26.29
N ASP B 430 -5.42 -5.94 26.24
CA ASP B 430 -6.47 -6.29 27.21
C ASP B 430 -7.06 -7.69 26.92
N GLY B 431 -6.60 -8.36 25.84
CA GLY B 431 -7.08 -9.69 25.48
C GLY B 431 -8.49 -9.68 24.88
N LYS B 432 -9.02 -8.48 24.54
CA LYS B 432 -10.42 -8.48 24.09
C LYS B 432 -10.62 -8.80 22.61
N TYR B 433 -9.63 -8.52 21.72
CA TYR B 433 -9.82 -8.69 20.27
C TYR B 433 -8.57 -9.27 19.60
N VAL B 434 -8.80 -10.28 18.78
CA VAL B 434 -7.75 -10.74 17.87
C VAL B 434 -7.82 -9.90 16.57
N VAL B 435 -6.65 -9.55 16.04
CA VAL B 435 -6.57 -8.78 14.80
C VAL B 435 -5.57 -9.54 13.89
N GLY B 436 -6.12 -10.05 12.77
CA GLY B 436 -5.42 -10.87 11.80
C GLY B 436 -5.33 -10.15 10.45
N VAL B 437 -4.53 -10.76 9.55
CA VAL B 437 -4.43 -10.18 8.23
C VAL B 437 -4.52 -11.35 7.21
N PHE B 438 -5.16 -11.10 6.07
CA PHE B 438 -5.11 -12.05 4.96
C PHE B 438 -4.75 -11.25 3.72
N SER B 439 -4.18 -11.96 2.72
CA SER B 439 -3.15 -11.33 1.89
C SER B 439 -3.25 -11.71 0.42
N GLY B 440 -4.30 -12.47 0.09
CA GLY B 440 -4.72 -12.68 -1.28
C GLY B 440 -3.69 -13.39 -2.18
N TYR B 441 -2.68 -14.07 -1.62
CA TYR B 441 -1.55 -14.62 -2.36
C TYR B 441 -0.95 -13.51 -3.27
N GLN B 442 -0.92 -12.24 -2.77
CA GLN B 442 -0.28 -11.08 -3.43
C GLN B 442 -1.05 -10.69 -4.68
N LYS B 443 -2.30 -11.16 -4.82
CA LYS B 443 -3.01 -10.79 -6.04
C LYS B 443 -4.55 -10.77 -5.93
N THR B 444 -5.15 -11.44 -4.96
CA THR B 444 -6.59 -11.34 -4.83
C THR B 444 -6.95 -10.72 -3.48
N ALA B 445 -8.06 -11.15 -2.87
CA ALA B 445 -8.62 -10.34 -1.76
C ALA B 445 -7.72 -10.29 -0.51
N SER B 446 -7.69 -9.11 0.13
CA SER B 446 -6.81 -8.87 1.25
C SER B 446 -7.58 -8.06 2.28
N GLY B 447 -7.15 -8.17 3.55
CA GLY B 447 -7.92 -7.33 4.49
C GLY B 447 -7.45 -7.55 5.91
N ILE B 448 -7.90 -6.69 6.83
CA ILE B 448 -7.64 -6.88 8.27
C ILE B 448 -8.92 -7.41 8.92
N VAL B 449 -8.79 -8.42 9.76
CA VAL B 449 -9.97 -9.02 10.35
C VAL B 449 -9.83 -8.91 11.87
N ILE B 450 -10.96 -8.66 12.54
CA ILE B 450 -10.97 -8.43 13.96
C ILE B 450 -12.03 -9.37 14.51
N MET B 451 -11.63 -10.18 15.49
CA MET B 451 -12.40 -11.20 16.16
C MET B 451 -12.49 -10.87 17.65
N ASP B 452 -13.71 -10.95 18.17
CA ASP B 452 -14.03 -10.74 19.58
C ASP B 452 -13.65 -12.03 20.35
N THR B 453 -12.79 -11.92 21.36
CA THR B 453 -12.29 -13.16 21.99
C THR B 453 -13.29 -13.74 22.98
N LYS B 454 -14.33 -12.97 23.29
CA LYS B 454 -15.35 -13.57 24.13
C LYS B 454 -16.26 -14.50 23.31
N SER B 455 -16.88 -14.04 22.21
CA SER B 455 -17.76 -14.85 21.39
C SER B 455 -16.97 -15.69 20.39
N ASP B 456 -15.65 -15.41 20.15
CA ASP B 456 -14.95 -15.96 18.99
C ASP B 456 -15.73 -15.83 17.67
N GLU B 457 -16.27 -14.64 17.43
CA GLU B 457 -16.89 -14.25 16.18
C GLU B 457 -16.14 -13.05 15.61
N VAL B 458 -16.07 -13.03 14.25
CA VAL B 458 -15.53 -11.90 13.51
C VAL B 458 -16.46 -10.70 13.68
N VAL B 459 -15.95 -9.56 14.17
CA VAL B 459 -16.78 -8.36 14.23
C VAL B 459 -16.61 -7.53 12.96
N GLY B 460 -15.53 -7.76 12.20
CA GLY B 460 -15.49 -7.02 10.95
C GLY B 460 -14.18 -7.19 10.20
N ILE B 461 -14.21 -6.71 8.97
CA ILE B 461 -13.02 -6.67 8.15
C ILE B 461 -12.85 -5.23 7.68
N LEU B 462 -11.62 -4.73 7.72
CA LEU B 462 -11.29 -3.44 7.17
C LEU B 462 -10.42 -3.66 5.94
N PRO B 463 -10.48 -2.72 4.97
CA PRO B 463 -9.71 -2.86 3.75
C PRO B 463 -8.24 -2.75 4.05
N SER B 464 -7.47 -3.48 3.23
CA SER B 464 -6.01 -3.37 3.42
C SER B 464 -5.26 -3.63 2.13
N VAL B 465 -4.54 -2.60 1.66
CA VAL B 465 -3.69 -2.77 0.49
C VAL B 465 -2.38 -3.31 1.01
N GLY B 466 -2.38 -4.64 1.12
CA GLY B 466 -1.23 -5.34 1.66
C GLY B 466 -1.20 -6.82 1.28
N GLY B 467 0.03 -7.38 1.18
CA GLY B 467 0.19 -8.83 1.09
C GLY B 467 0.75 -9.38 2.38
N HIS B 468 0.57 -8.62 3.49
CA HIS B 468 1.23 -8.82 4.80
C HIS B 468 1.38 -10.30 5.20
N HIS B 469 2.61 -10.71 5.54
CA HIS B 469 2.88 -11.94 6.25
C HIS B 469 3.13 -11.59 7.72
N ASP B 470 2.82 -10.37 8.14
CA ASP B 470 3.03 -10.12 9.55
C ASP B 470 2.01 -9.08 10.04
N CYS B 471 1.89 -8.99 11.38
CA CYS B 471 1.21 -7.78 11.91
C CYS B 471 1.54 -7.71 13.40
N VAL B 472 1.50 -6.49 13.94
CA VAL B 472 1.73 -6.36 15.38
C VAL B 472 0.84 -5.25 15.88
N ILE B 473 0.46 -5.32 17.15
CA ILE B 473 -0.12 -4.16 17.85
C ILE B 473 0.99 -3.54 18.68
N VAL B 474 1.24 -2.23 18.49
CA VAL B 474 2.37 -1.59 19.18
C VAL B 474 2.20 -1.72 20.71
N PRO B 475 3.17 -2.34 21.40
CA PRO B 475 3.02 -2.70 22.79
C PRO B 475 3.39 -1.45 23.63
N LYS B 476 2.85 -1.42 24.84
CA LYS B 476 3.26 -0.38 25.79
C LYS B 476 4.26 -0.89 26.81
N THR B 477 4.13 -2.15 27.24
CA THR B 477 5.02 -2.58 28.29
C THR B 477 5.71 -3.89 27.89
N VAL B 478 6.68 -4.34 28.69
CA VAL B 478 7.41 -5.57 28.40
C VAL B 478 6.43 -6.71 28.57
N GLU B 479 5.43 -6.51 29.44
CA GLU B 479 4.44 -7.56 29.70
C GLU B 479 3.63 -7.77 28.42
N ASP B 480 3.33 -6.67 27.72
CA ASP B 480 2.62 -6.84 26.44
C ASP B 480 3.40 -7.76 25.49
N LEU B 481 4.74 -7.67 25.46
CA LEU B 481 5.46 -8.49 24.47
C LEU B 481 5.18 -9.99 24.60
N ARG B 482 4.70 -10.40 25.77
CA ARG B 482 4.44 -11.80 26.02
C ARG B 482 3.37 -12.33 25.06
N CYS B 483 2.56 -11.43 24.47
CA CYS B 483 1.66 -11.88 23.41
C CYS B 483 1.81 -10.99 22.17
N SER B 484 3.06 -10.62 21.91
CA SER B 484 3.34 -9.93 20.66
C SER B 484 4.38 -10.76 19.88
N ARG B 485 5.06 -10.08 18.95
CA ARG B 485 6.01 -10.78 18.09
C ARG B 485 7.34 -10.90 18.82
N CYS B 486 7.40 -11.84 19.79
CA CYS B 486 8.51 -12.01 20.68
C CYS B 486 8.48 -13.47 21.08
N THR B 487 7.33 -13.89 21.57
CA THR B 487 7.19 -15.22 22.13
C THR B 487 6.68 -16.18 21.05
N THR B 488 6.07 -15.69 19.96
CA THR B 488 5.53 -16.62 18.92
C THR B 488 5.56 -15.86 17.59
N THR B 489 5.41 -16.60 16.44
CA THR B 489 5.31 -15.81 15.22
C THR B 489 3.92 -15.97 14.61
SE SEK C . -3.80 16.45 -7.29
C SEK C . -4.47 16.89 -8.81
N SEK C . -5.11 17.22 -9.70
CU CU D . -5.56 18.49 -11.12
CU CU E . -1.77 15.04 -7.90
CU CU F . -5.71 16.07 -5.66
CU CU G . -18.23 2.68 30.19
C1 GOL H . 14.25 -38.42 16.15
O1 GOL H . 13.14 -38.30 15.25
C2 GOL H . 15.30 -39.31 15.50
O2 GOL H . 15.73 -38.72 14.28
C3 GOL H . 16.53 -39.56 16.31
O3 GOL H . 17.38 -40.43 15.59
CU CU I . 7.32 -18.69 9.82
CU CU J . 6.21 -14.87 4.73
CU CU K . 2.34 -15.96 7.16
SE SE L . 4.76 -16.24 6.35
NA NA M . 25.23 -8.95 -5.45
#